data_2DCW
#
_entry.id   2DCW
#
_entity_poly.entity_id   1
_entity_poly.type   'polypeptide(L)'
_entity_poly.pdbx_seq_one_letter_code
;YITCLFRGARCRVYSGRSCCFGYYCRRDFPGSIFGTCSRRNF
;
_entity_poly.pdbx_strand_id   A
#
# COMPACT_ATOMS: atom_id res chain seq x y z
N TYR A 1 8.76 -7.54 -13.56
CA TYR A 1 7.93 -8.20 -12.51
C TYR A 1 8.51 -7.96 -11.12
N ILE A 2 9.84 -7.93 -11.03
CA ILE A 2 10.51 -7.71 -9.75
C ILE A 2 10.56 -6.23 -9.40
N THR A 3 9.63 -5.80 -8.56
CA THR A 3 9.56 -4.40 -8.14
C THR A 3 8.67 -4.25 -6.92
N CYS A 4 8.63 -3.04 -6.37
CA CYS A 4 7.81 -2.76 -5.19
C CYS A 4 6.47 -2.15 -5.59
N LEU A 5 5.60 -1.97 -4.61
CA LEU A 5 4.28 -1.39 -4.86
C LEU A 5 4.37 0.12 -5.05
N PHE A 6 4.12 0.58 -6.26
CA PHE A 6 4.18 2.00 -6.57
C PHE A 6 2.78 2.61 -6.52
N ARG A 7 2.71 3.94 -6.52
CA ARG A 7 1.44 4.65 -6.49
C ARG A 7 0.51 4.17 -7.60
N GLY A 8 -0.71 3.81 -7.22
CA GLY A 8 -1.67 3.34 -8.20
C GLY A 8 -1.77 1.82 -8.24
N ALA A 9 -1.49 1.19 -7.11
CA ALA A 9 -1.54 -0.26 -7.00
C ALA A 9 -2.32 -0.69 -5.77
N ARG A 10 -2.76 -1.95 -5.77
CA ARG A 10 -3.53 -2.49 -4.65
C ARG A 10 -2.61 -3.19 -3.65
N CYS A 11 -3.00 -3.14 -2.38
CA CYS A 11 -2.21 -3.76 -1.32
C CYS A 11 -3.07 -4.00 -0.08
N ARG A 12 -3.00 -5.21 0.46
CA ARG A 12 -3.78 -5.57 1.64
C ARG A 12 -2.91 -5.52 2.90
N VAL A 13 -3.56 -5.54 4.06
CA VAL A 13 -2.85 -5.48 5.33
C VAL A 13 -1.81 -6.60 5.45
N TYR A 14 -2.25 -7.83 5.18
CA TYR A 14 -1.37 -8.99 5.27
C TYR A 14 -0.69 -9.28 3.94
N SER A 15 -0.52 -8.25 3.11
CA SER A 15 0.12 -8.42 1.80
C SER A 15 1.58 -8.81 1.97
N GLY A 16 2.26 -9.03 0.85
CA GLY A 16 3.66 -9.41 0.88
C GLY A 16 4.57 -8.24 1.21
N ARG A 17 5.52 -7.97 0.32
CA ARG A 17 6.45 -6.86 0.51
C ARG A 17 5.72 -5.55 0.71
N SER A 18 6.31 -4.65 1.50
CA SER A 18 5.70 -3.36 1.77
C SER A 18 5.73 -2.48 0.53
N CYS A 19 5.16 -1.28 0.65
CA CYS A 19 5.13 -0.33 -0.47
C CYS A 19 6.52 0.21 -0.77
N CYS A 20 6.64 0.95 -1.87
CA CYS A 20 7.92 1.52 -2.27
C CYS A 20 8.37 2.60 -1.27
N PHE A 21 9.53 3.17 -1.53
CA PHE A 21 10.08 4.20 -0.65
C PHE A 21 9.20 5.44 -0.67
N GLY A 22 8.88 5.96 0.51
CA GLY A 22 8.05 7.15 0.60
C GLY A 22 6.58 6.86 0.34
N TYR A 23 6.22 5.58 0.34
CA TYR A 23 4.83 5.18 0.10
C TYR A 23 4.43 4.04 1.01
N TYR A 24 3.28 4.18 1.67
CA TYR A 24 2.79 3.15 2.58
C TYR A 24 1.49 2.54 2.06
N CYS A 25 0.93 1.60 2.82
CA CYS A 25 -0.32 0.95 2.43
C CYS A 25 -1.40 1.20 3.47
N ARG A 26 -2.45 1.90 3.05
CA ARG A 26 -3.57 2.22 3.93
C ARG A 26 -4.78 1.34 3.62
N ARG A 27 -5.69 1.24 4.59
CA ARG A 27 -6.89 0.43 4.41
C ARG A 27 -7.96 1.20 3.65
N ASP A 28 -9.09 0.53 3.38
CA ASP A 28 -10.19 1.15 2.66
C ASP A 28 -11.16 1.81 3.63
N PHE A 29 -11.58 1.06 4.65
CA PHE A 29 -12.52 1.59 5.64
C PHE A 29 -12.44 0.77 6.93
N PRO A 30 -12.92 1.33 8.05
CA PRO A 30 -12.91 0.65 9.35
C PRO A 30 -13.58 -0.72 9.28
N GLY A 31 -12.77 -1.76 9.17
CA GLY A 31 -13.29 -3.11 9.10
C GLY A 31 -13.00 -3.77 7.76
N SER A 32 -11.95 -3.32 7.09
CA SER A 32 -11.57 -3.88 5.80
C SER A 32 -10.27 -4.69 5.91
N ILE A 33 -9.99 -5.49 4.88
CA ILE A 33 -8.79 -6.31 4.88
C ILE A 33 -7.83 -5.86 3.78
N PHE A 34 -8.37 -5.34 2.69
CA PHE A 34 -7.55 -4.87 1.57
C PHE A 34 -7.59 -3.34 1.46
N GLY A 35 -6.56 -2.78 0.86
CA GLY A 35 -6.50 -1.33 0.69
C GLY A 35 -5.74 -0.92 -0.55
N THR A 36 -5.02 0.19 -0.46
CA THR A 36 -4.24 0.70 -1.59
C THR A 36 -3.02 1.47 -1.11
N CYS A 37 -2.03 1.61 -1.99
CA CYS A 37 -0.80 2.32 -1.64
C CYS A 37 -0.98 3.83 -1.87
N SER A 38 -0.54 4.62 -0.89
CA SER A 38 -0.64 6.07 -0.98
C SER A 38 0.69 6.73 -0.66
N ARG A 39 0.87 7.96 -1.13
CA ARG A 39 2.10 8.70 -0.90
C ARG A 39 2.19 9.17 0.56
N ARG A 40 3.39 9.14 1.11
CA ARG A 40 3.61 9.56 2.49
C ARG A 40 3.36 11.05 2.65
N ASN A 41 3.28 11.50 3.90
CA ASN A 41 3.04 12.92 4.18
C ASN A 41 4.26 13.54 4.86
N PHE A 42 4.56 14.77 4.50
CA PHE A 42 5.69 15.49 5.07
C PHE A 42 5.32 16.93 5.41
N TYR A 1 9.82 -3.06 -14.44
CA TYR A 1 11.07 -3.27 -13.66
C TYR A 1 10.89 -2.84 -12.21
N ILE A 2 9.67 -2.97 -11.70
CA ILE A 2 9.37 -2.59 -10.32
C ILE A 2 9.22 -3.82 -9.44
N THR A 3 9.77 -3.73 -8.23
CA THR A 3 9.70 -4.85 -7.28
C THR A 3 8.76 -4.54 -6.13
N CYS A 4 8.54 -3.25 -5.88
CA CYS A 4 7.66 -2.82 -4.79
C CYS A 4 6.40 -2.18 -5.36
N LEU A 5 5.39 -2.04 -4.51
CA LEU A 5 4.11 -1.45 -4.92
C LEU A 5 4.26 0.05 -5.14
N PHE A 6 3.72 0.55 -6.25
CA PHE A 6 3.80 1.96 -6.57
C PHE A 6 2.44 2.65 -6.36
N ARG A 7 2.42 3.97 -6.49
CA ARG A 7 1.20 4.74 -6.32
C ARG A 7 0.07 4.18 -7.18
N GLY A 8 -1.11 4.05 -6.58
CA GLY A 8 -2.26 3.53 -7.30
C GLY A 8 -2.21 2.01 -7.44
N ALA A 9 -1.57 1.35 -6.48
CA ALA A 9 -1.46 -0.11 -6.50
C ALA A 9 -2.35 -0.73 -5.44
N ARG A 10 -2.79 -1.96 -5.69
CA ARG A 10 -3.65 -2.68 -4.77
C ARG A 10 -2.83 -3.47 -3.76
N CYS A 11 -2.98 -3.16 -2.48
CA CYS A 11 -2.26 -3.84 -1.42
C CYS A 11 -3.16 -4.10 -0.23
N ARG A 12 -3.07 -5.31 0.34
CA ARG A 12 -3.88 -5.67 1.49
C ARG A 12 -3.08 -5.58 2.78
N VAL A 13 -3.77 -5.62 3.91
CA VAL A 13 -3.12 -5.53 5.22
C VAL A 13 -2.07 -6.62 5.39
N TYR A 14 -2.44 -7.85 5.04
CA TYR A 14 -1.54 -8.99 5.18
C TYR A 14 -0.73 -9.22 3.91
N SER A 15 -0.59 -8.19 3.08
CA SER A 15 0.16 -8.29 1.84
C SER A 15 1.61 -8.65 2.12
N GLY A 16 2.39 -8.84 1.06
CA GLY A 16 3.80 -9.17 1.21
C GLY A 16 4.60 -8.02 1.78
N ARG A 17 5.67 -7.66 1.07
CA ARG A 17 6.53 -6.56 1.51
C ARG A 17 5.76 -5.23 1.46
N SER A 18 6.31 -4.23 2.12
CA SER A 18 5.68 -2.91 2.16
C SER A 18 5.78 -2.23 0.79
N CYS A 19 5.18 -1.05 0.68
CA CYS A 19 5.19 -0.30 -0.57
C CYS A 19 6.59 0.25 -0.86
N CYS A 20 6.73 0.93 -1.99
CA CYS A 20 8.01 1.51 -2.38
C CYS A 20 8.46 2.57 -1.38
N PHE A 21 9.70 3.04 -1.53
CA PHE A 21 10.24 4.06 -0.65
C PHE A 21 9.43 5.34 -0.72
N GLY A 22 8.87 5.75 0.41
CA GLY A 22 8.07 6.96 0.45
C GLY A 22 6.60 6.70 0.16
N TYR A 23 6.19 5.44 0.26
CA TYR A 23 4.81 5.07 0.00
C TYR A 23 4.34 4.02 1.01
N TYR A 24 3.13 4.21 1.54
CA TYR A 24 2.57 3.28 2.51
C TYR A 24 1.36 2.55 1.94
N CYS A 25 0.74 1.72 2.76
CA CYS A 25 -0.43 0.96 2.34
C CYS A 25 -1.59 1.13 3.32
N ARG A 26 -2.60 1.90 2.92
CA ARG A 26 -3.76 2.15 3.76
C ARG A 26 -4.96 1.35 3.28
N ARG A 27 -5.70 0.79 4.23
CA ARG A 27 -6.89 0.01 3.91
C ARG A 27 -8.03 0.90 3.44
N ASP A 28 -9.15 0.30 3.06
CA ASP A 28 -10.31 1.04 2.59
C ASP A 28 -10.96 1.80 3.74
N PHE A 29 -11.49 1.06 4.70
CA PHE A 29 -12.15 1.67 5.86
C PHE A 29 -12.00 0.78 7.10
N PRO A 30 -12.22 1.34 8.30
CA PRO A 30 -12.11 0.58 9.55
C PRO A 30 -12.83 -0.76 9.48
N GLY A 31 -12.07 -1.81 9.22
CA GLY A 31 -12.65 -3.14 9.13
C GLY A 31 -12.53 -3.74 7.73
N SER A 32 -11.51 -3.31 7.00
CA SER A 32 -11.28 -3.82 5.65
C SER A 32 -10.06 -4.73 5.61
N ILE A 33 -9.91 -5.46 4.51
CA ILE A 33 -8.79 -6.38 4.35
C ILE A 33 -7.87 -5.93 3.22
N PHE A 34 -8.42 -5.27 2.22
CA PHE A 34 -7.65 -4.79 1.08
C PHE A 34 -7.72 -3.26 0.98
N GLY A 35 -6.67 -2.66 0.44
CA GLY A 35 -6.63 -1.22 0.29
C GLY A 35 -5.81 -0.78 -0.90
N THR A 36 -5.25 0.42 -0.83
CA THR A 36 -4.44 0.96 -1.92
C THR A 36 -3.16 1.57 -1.39
N CYS A 37 -2.19 1.79 -2.28
CA CYS A 37 -0.91 2.38 -1.89
C CYS A 37 -0.88 3.87 -2.19
N SER A 38 -0.55 4.66 -1.17
CA SER A 38 -0.49 6.10 -1.31
C SER A 38 0.83 6.65 -0.77
N ARG A 39 1.25 7.80 -1.28
CA ARG A 39 2.49 8.43 -0.85
C ARG A 39 2.41 8.84 0.62
N ARG A 40 3.56 8.94 1.27
CA ARG A 40 3.63 9.31 2.67
C ARG A 40 3.74 10.83 2.83
N ASN A 41 2.67 11.53 2.47
CA ASN A 41 2.64 12.98 2.57
C ASN A 41 1.97 13.43 3.87
N PHE A 42 2.00 14.74 4.13
CA PHE A 42 1.40 15.29 5.33
C PHE A 42 -0.03 15.74 5.07
N TYR A 1 9.94 -11.95 -9.77
CA TYR A 1 10.77 -10.71 -9.83
C TYR A 1 10.79 -9.98 -8.50
N ILE A 2 11.64 -8.98 -8.38
CA ILE A 2 11.76 -8.20 -7.15
C ILE A 2 11.42 -6.73 -7.41
N THR A 3 10.27 -6.30 -6.92
CA THR A 3 9.83 -4.92 -7.09
C THR A 3 8.99 -4.45 -5.90
N CYS A 4 8.48 -3.24 -5.99
CA CYS A 4 7.66 -2.67 -4.92
C CYS A 4 6.33 -2.17 -5.46
N LEU A 5 5.45 -1.78 -4.54
CA LEU A 5 4.13 -1.27 -4.93
C LEU A 5 4.17 0.22 -5.22
N PHE A 6 3.60 0.62 -6.35
CA PHE A 6 3.57 2.02 -6.74
C PHE A 6 2.25 2.68 -6.35
N ARG A 7 2.21 4.01 -6.39
CA ARG A 7 1.01 4.75 -6.04
C ARG A 7 -0.17 4.31 -6.89
N GLY A 8 -1.34 4.21 -6.25
CA GLY A 8 -2.53 3.79 -6.96
C GLY A 8 -2.55 2.30 -7.25
N ALA A 9 -1.85 1.54 -6.42
CA ALA A 9 -1.79 0.09 -6.59
C ALA A 9 -2.73 -0.62 -5.62
N ARG A 10 -2.85 -1.93 -5.78
CA ARG A 10 -3.72 -2.73 -4.92
C ARG A 10 -2.90 -3.50 -3.88
N CYS A 11 -3.12 -3.18 -2.61
CA CYS A 11 -2.41 -3.85 -1.53
C CYS A 11 -3.35 -4.19 -0.38
N ARG A 12 -2.95 -5.16 0.44
CA ARG A 12 -3.77 -5.58 1.58
C ARG A 12 -3.02 -5.40 2.89
N VAL A 13 -3.76 -5.42 4.00
CA VAL A 13 -3.18 -5.26 5.32
C VAL A 13 -2.11 -6.30 5.60
N TYR A 14 -2.44 -7.56 5.32
CA TYR A 14 -1.52 -8.67 5.55
C TYR A 14 -0.64 -8.95 4.33
N SER A 15 -0.47 -7.95 3.47
CA SER A 15 0.35 -8.11 2.28
C SER A 15 1.80 -8.37 2.65
N GLY A 16 2.63 -8.62 1.63
CA GLY A 16 4.03 -8.88 1.87
C GLY A 16 4.76 -7.67 2.40
N ARG A 17 5.84 -7.27 1.74
CA ARG A 17 6.62 -6.12 2.15
C ARG A 17 5.83 -4.83 1.94
N SER A 18 6.36 -3.73 2.47
CA SER A 18 5.71 -2.42 2.32
C SER A 18 5.78 -1.93 0.88
N CYS A 19 5.17 -0.78 0.62
CA CYS A 19 5.17 -0.20 -0.71
C CYS A 19 6.55 0.31 -1.09
N CYS A 20 6.65 0.95 -2.25
CA CYS A 20 7.93 1.47 -2.72
C CYS A 20 8.54 2.43 -1.69
N PHE A 21 9.73 2.95 -2.01
CA PHE A 21 10.42 3.88 -1.12
C PHE A 21 9.64 5.18 -0.98
N GLY A 22 9.07 5.40 0.20
CA GLY A 22 8.30 6.61 0.44
C GLY A 22 6.81 6.37 0.45
N TYR A 23 6.38 5.25 -0.12
CA TYR A 23 4.96 4.91 -0.16
C TYR A 23 4.63 3.80 0.82
N TYR A 24 3.34 3.68 1.15
CA TYR A 24 2.89 2.64 2.09
C TYR A 24 1.51 2.13 1.69
N CYS A 25 1.04 1.11 2.39
CA CYS A 25 -0.26 0.52 2.12
C CYS A 25 -1.35 1.14 2.99
N ARG A 26 -2.52 1.36 2.41
CA ARG A 26 -3.64 1.95 3.15
C ARG A 26 -4.91 1.15 2.94
N ARG A 27 -5.74 1.09 3.98
CA ARG A 27 -6.99 0.35 3.92
C ARG A 27 -8.15 1.27 3.53
N ASP A 28 -9.17 0.70 2.91
CA ASP A 28 -10.34 1.46 2.48
C ASP A 28 -11.04 2.08 3.68
N PHE A 29 -11.49 1.24 4.60
CA PHE A 29 -12.18 1.71 5.80
C PHE A 29 -11.93 0.77 6.98
N PRO A 30 -12.16 1.24 8.21
CA PRO A 30 -11.95 0.44 9.42
C PRO A 30 -12.67 -0.90 9.35
N GLY A 31 -11.90 -1.95 9.07
CA GLY A 31 -12.47 -3.28 8.97
C GLY A 31 -12.36 -3.87 7.58
N SER A 32 -11.35 -3.43 6.84
CA SER A 32 -11.13 -3.91 5.48
C SER A 32 -9.89 -4.81 5.42
N ILE A 33 -9.77 -5.56 4.33
CA ILE A 33 -8.64 -6.46 4.15
C ILE A 33 -7.74 -6.00 3.00
N PHE A 34 -8.35 -5.35 2.00
CA PHE A 34 -7.59 -4.86 0.84
C PHE A 34 -7.87 -3.38 0.61
N GLY A 35 -6.84 -2.64 0.21
CA GLY A 35 -6.99 -1.22 -0.04
C GLY A 35 -6.09 -0.73 -1.16
N THR A 36 -5.62 0.50 -1.06
CA THR A 36 -4.76 1.08 -2.08
C THR A 36 -3.47 1.62 -1.46
N CYS A 37 -2.45 1.80 -2.28
CA CYS A 37 -1.17 2.31 -1.82
C CYS A 37 -1.07 3.82 -2.02
N SER A 38 -0.65 4.52 -0.98
CA SER A 38 -0.52 5.97 -1.05
C SER A 38 0.86 6.42 -0.55
N ARG A 39 1.19 7.69 -0.81
CA ARG A 39 2.47 8.24 -0.38
C ARG A 39 2.47 8.55 1.10
N ARG A 40 3.51 8.08 1.81
CA ARG A 40 3.62 8.31 3.24
C ARG A 40 3.80 9.80 3.54
N ASN A 41 4.81 10.40 2.94
CA ASN A 41 5.09 11.82 3.14
C ASN A 41 5.97 12.36 2.02
N PHE A 42 5.76 11.88 0.81
CA PHE A 42 6.54 12.31 -0.34
C PHE A 42 8.02 12.00 -0.15
N TYR A 1 10.23 0.10 -14.71
CA TYR A 1 10.83 -0.20 -13.39
C TYR A 1 9.76 -0.32 -12.31
N ILE A 2 8.73 -1.10 -12.58
CA ILE A 2 7.64 -1.29 -11.64
C ILE A 2 7.77 -2.62 -10.91
N THR A 3 8.68 -2.66 -9.92
CA THR A 3 8.91 -3.88 -9.15
C THR A 3 8.34 -3.75 -7.74
N CYS A 4 8.18 -2.51 -7.28
CA CYS A 4 7.66 -2.26 -5.94
C CYS A 4 6.24 -1.68 -6.01
N LEU A 5 5.51 -1.77 -4.91
CA LEU A 5 4.15 -1.26 -4.84
C LEU A 5 4.13 0.26 -4.90
N PHE A 6 3.69 0.80 -6.03
CA PHE A 6 3.62 2.25 -6.21
C PHE A 6 2.24 2.77 -5.85
N ARG A 7 2.10 4.09 -5.89
CA ARG A 7 0.82 4.73 -5.56
C ARG A 7 -0.28 4.25 -6.51
N GLY A 8 -1.48 4.08 -5.98
CA GLY A 8 -2.60 3.64 -6.78
C GLY A 8 -2.51 2.16 -7.10
N ALA A 9 -1.86 1.40 -6.23
CA ALA A 9 -1.71 -0.03 -6.42
C ALA A 9 -2.55 -0.81 -5.41
N ARG A 10 -2.70 -2.12 -5.65
CA ARG A 10 -3.46 -2.98 -4.76
C ARG A 10 -2.57 -3.60 -3.69
N CYS A 11 -2.92 -3.36 -2.43
CA CYS A 11 -2.15 -3.90 -1.32
C CYS A 11 -3.05 -4.15 -0.12
N ARG A 12 -2.92 -5.33 0.48
CA ARG A 12 -3.73 -5.69 1.65
C ARG A 12 -2.93 -5.52 2.93
N VAL A 13 -3.62 -5.62 4.06
CA VAL A 13 -2.99 -5.47 5.37
C VAL A 13 -1.83 -6.44 5.54
N TYR A 14 -2.09 -7.72 5.32
CA TYR A 14 -1.09 -8.76 5.47
C TYR A 14 -0.35 -9.01 4.16
N SER A 15 -0.25 -7.98 3.32
CA SER A 15 0.44 -8.11 2.03
C SER A 15 1.92 -8.42 2.24
N GLY A 16 2.56 -8.90 1.18
CA GLY A 16 3.97 -9.22 1.25
C GLY A 16 4.84 -8.01 1.52
N ARG A 17 5.80 -7.76 0.63
CA ARG A 17 6.69 -6.62 0.78
C ARG A 17 5.91 -5.32 0.87
N SER A 18 6.46 -4.36 1.61
CA SER A 18 5.81 -3.06 1.78
C SER A 18 5.82 -2.27 0.47
N CYS A 19 5.24 -1.07 0.51
CA CYS A 19 5.19 -0.21 -0.68
C CYS A 19 6.57 0.32 -1.02
N CYS A 20 6.67 1.04 -2.13
CA CYS A 20 7.93 1.61 -2.57
C CYS A 20 8.51 2.54 -1.51
N PHE A 21 9.70 3.07 -1.77
CA PHE A 21 10.36 3.98 -0.85
C PHE A 21 9.56 5.26 -0.67
N GLY A 22 9.10 5.50 0.55
CA GLY A 22 8.31 6.69 0.83
C GLY A 22 6.83 6.50 0.56
N TYR A 23 6.40 5.24 0.53
CA TYR A 23 5.00 4.93 0.28
C TYR A 23 4.48 3.92 1.31
N TYR A 24 3.23 4.10 1.74
CA TYR A 24 2.62 3.20 2.71
C TYR A 24 1.33 2.60 2.16
N CYS A 25 0.88 1.51 2.79
CA CYS A 25 -0.34 0.84 2.35
C CYS A 25 -1.50 1.16 3.31
N ARG A 26 -2.50 1.87 2.80
CA ARG A 26 -3.67 2.24 3.60
C ARG A 26 -4.85 1.34 3.28
N ARG A 27 -5.71 1.12 4.26
CA ARG A 27 -6.88 0.28 4.09
C ARG A 27 -7.98 1.01 3.33
N ASP A 28 -9.07 0.31 3.05
CA ASP A 28 -10.20 0.91 2.34
C ASP A 28 -11.10 1.68 3.29
N PHE A 29 -11.72 0.97 4.22
CA PHE A 29 -12.62 1.59 5.19
C PHE A 29 -12.59 0.83 6.51
N PRO A 30 -13.06 1.47 7.61
CA PRO A 30 -13.10 0.85 8.93
C PRO A 30 -13.71 -0.54 8.91
N GLY A 31 -12.86 -1.55 8.92
CA GLY A 31 -13.34 -2.92 8.90
C GLY A 31 -13.03 -3.63 7.60
N SER A 32 -11.97 -3.19 6.92
CA SER A 32 -11.56 -3.78 5.66
C SER A 32 -10.25 -4.56 5.82
N ILE A 33 -9.98 -5.43 4.86
CA ILE A 33 -8.75 -6.23 4.89
C ILE A 33 -7.81 -5.82 3.77
N PHE A 34 -8.36 -5.35 2.65
CA PHE A 34 -7.56 -4.91 1.52
C PHE A 34 -7.67 -3.41 1.33
N GLY A 35 -6.61 -2.82 0.75
CA GLY A 35 -6.62 -1.39 0.53
C GLY A 35 -5.79 -0.99 -0.69
N THR A 36 -5.23 0.21 -0.65
CA THR A 36 -4.42 0.71 -1.76
C THR A 36 -3.10 1.29 -1.25
N CYS A 37 -2.18 1.55 -2.18
CA CYS A 37 -0.89 2.11 -1.82
C CYS A 37 -0.84 3.61 -2.09
N SER A 38 -0.36 4.37 -1.11
CA SER A 38 -0.27 5.82 -1.24
C SER A 38 1.12 6.32 -0.87
N ARG A 39 1.44 7.54 -1.32
CA ARG A 39 2.75 8.13 -1.03
C ARG A 39 2.75 8.77 0.35
N ARG A 40 3.88 8.65 1.05
CA ARG A 40 4.01 9.21 2.38
C ARG A 40 4.16 10.73 2.32
N ASN A 41 3.03 11.43 2.36
CA ASN A 41 3.02 12.88 2.31
C ASN A 41 2.56 13.47 3.64
N PHE A 42 2.48 14.80 3.69
CA PHE A 42 2.05 15.48 4.90
C PHE A 42 0.61 15.13 5.25
N TYR A 1 15.71 -10.42 -7.97
CA TYR A 1 15.34 -9.00 -7.78
C TYR A 1 14.09 -8.86 -6.92
N ILE A 2 13.61 -7.63 -6.78
CA ILE A 2 12.41 -7.36 -5.99
C ILE A 2 11.53 -6.31 -6.66
N THR A 3 10.24 -6.35 -6.38
CA THR A 3 9.29 -5.41 -6.95
C THR A 3 8.37 -4.84 -5.88
N CYS A 4 8.52 -3.56 -5.58
CA CYS A 4 7.69 -2.91 -4.57
C CYS A 4 6.44 -2.31 -5.21
N LEU A 5 5.48 -1.94 -4.36
CA LEU A 5 4.23 -1.36 -4.82
C LEU A 5 4.37 0.16 -4.99
N PHE A 6 4.08 0.64 -6.20
CA PHE A 6 4.18 2.07 -6.49
C PHE A 6 2.80 2.72 -6.44
N ARG A 7 2.77 4.04 -6.58
CA ARG A 7 1.51 4.78 -6.55
C ARG A 7 0.55 4.26 -7.61
N GLY A 8 -0.69 4.00 -7.20
CA GLY A 8 -1.69 3.50 -8.12
C GLY A 8 -1.77 1.99 -8.12
N ALA A 9 -1.39 1.37 -7.01
CA ALA A 9 -1.43 -0.08 -6.88
C ALA A 9 -2.23 -0.50 -5.66
N ARG A 10 -2.89 -1.65 -5.77
CA ARG A 10 -3.71 -2.17 -4.68
C ARG A 10 -2.88 -3.07 -3.77
N CYS A 11 -3.13 -2.99 -2.47
CA CYS A 11 -2.41 -3.80 -1.49
C CYS A 11 -3.31 -4.15 -0.32
N ARG A 12 -3.16 -5.37 0.20
CA ARG A 12 -3.97 -5.83 1.32
C ARG A 12 -3.20 -5.73 2.62
N VAL A 13 -3.89 -6.01 3.74
CA VAL A 13 -3.27 -5.95 5.05
C VAL A 13 -2.25 -7.06 5.24
N TYR A 14 -2.60 -8.26 4.81
CA TYR A 14 -1.73 -9.42 4.95
C TYR A 14 -0.81 -9.59 3.73
N SER A 15 -0.65 -8.53 2.96
CA SER A 15 0.21 -8.57 1.77
C SER A 15 1.67 -8.78 2.16
N GLY A 16 2.53 -8.83 1.16
CA GLY A 16 3.95 -9.02 1.41
C GLY A 16 4.57 -7.85 2.14
N ARG A 17 5.65 -7.31 1.55
CA ARG A 17 6.34 -6.17 2.14
C ARG A 17 5.54 -4.89 1.93
N SER A 18 6.02 -3.80 2.51
CA SER A 18 5.35 -2.51 2.39
C SER A 18 5.49 -1.97 0.97
N CYS A 19 4.92 -0.79 0.74
CA CYS A 19 4.98 -0.15 -0.58
C CYS A 19 6.39 0.32 -0.89
N CYS A 20 6.56 0.98 -2.02
CA CYS A 20 7.86 1.49 -2.44
C CYS A 20 8.34 2.58 -1.49
N PHE A 21 9.50 3.16 -1.80
CA PHE A 21 10.07 4.22 -0.98
C PHE A 21 9.14 5.41 -0.92
N GLY A 22 8.80 5.84 0.30
CA GLY A 22 7.92 6.98 0.47
C GLY A 22 6.47 6.63 0.21
N TYR A 23 6.15 5.34 0.27
CA TYR A 23 4.78 4.89 0.03
C TYR A 23 4.36 3.84 1.06
N TYR A 24 3.14 3.95 1.55
CA TYR A 24 2.62 3.00 2.53
C TYR A 24 1.32 2.38 2.07
N CYS A 25 0.88 1.33 2.76
CA CYS A 25 -0.35 0.65 2.42
C CYS A 25 -1.47 1.00 3.40
N ARG A 26 -2.52 1.63 2.91
CA ARG A 26 -3.64 2.02 3.76
C ARG A 26 -4.91 1.25 3.38
N ARG A 27 -5.72 0.95 4.37
CA ARG A 27 -6.97 0.21 4.14
C ARG A 27 -8.06 1.13 3.61
N ASP A 28 -9.24 0.58 3.39
CA ASP A 28 -10.37 1.35 2.88
C ASP A 28 -11.17 1.95 4.03
N PHE A 29 -11.43 1.15 5.05
CA PHE A 29 -12.19 1.60 6.21
C PHE A 29 -11.93 0.71 7.42
N PRO A 30 -12.26 1.19 8.63
CA PRO A 30 -12.06 0.41 9.86
C PRO A 30 -12.70 -0.96 9.79
N GLY A 31 -11.89 -1.97 9.44
CA GLY A 31 -12.39 -3.32 9.33
C GLY A 31 -12.29 -3.86 7.92
N SER A 32 -11.36 -3.33 7.14
CA SER A 32 -11.17 -3.76 5.76
C SER A 32 -10.01 -4.74 5.65
N ILE A 33 -9.93 -5.44 4.53
CA ILE A 33 -8.87 -6.42 4.31
C ILE A 33 -7.96 -5.99 3.16
N PHE A 34 -8.52 -5.27 2.19
CA PHE A 34 -7.75 -4.79 1.05
C PHE A 34 -7.86 -3.27 0.91
N GLY A 35 -6.79 -2.66 0.39
CA GLY A 35 -6.78 -1.22 0.22
C GLY A 35 -5.97 -0.78 -0.99
N THR A 36 -5.31 0.36 -0.88
CA THR A 36 -4.49 0.87 -1.98
C THR A 36 -3.15 1.40 -1.46
N CYS A 37 -2.35 1.94 -2.38
CA CYS A 37 -1.04 2.47 -2.01
C CYS A 37 -0.98 3.98 -2.26
N SER A 38 -0.56 4.72 -1.24
CA SER A 38 -0.46 6.18 -1.34
C SER A 38 0.91 6.66 -0.87
N ARG A 39 1.31 7.84 -1.33
CA ARG A 39 2.59 8.42 -0.97
C ARG A 39 2.57 8.93 0.47
N ARG A 40 3.74 8.99 1.09
CA ARG A 40 3.86 9.44 2.48
C ARG A 40 3.59 10.95 2.57
N ASN A 41 3.07 11.38 3.72
CA ASN A 41 2.77 12.79 3.94
C ASN A 41 3.71 13.39 4.99
N PHE A 42 3.96 14.69 4.87
CA PHE A 42 4.84 15.38 5.80
C PHE A 42 4.04 16.27 6.75
N TYR A 1 11.84 -1.83 -14.06
CA TYR A 1 10.99 -2.88 -13.45
C TYR A 1 10.22 -2.35 -12.24
N ILE A 2 9.18 -3.06 -11.84
CA ILE A 2 8.37 -2.66 -10.70
C ILE A 2 8.12 -3.83 -9.75
N THR A 3 8.95 -3.92 -8.71
CA THR A 3 8.82 -5.00 -7.74
C THR A 3 8.06 -4.53 -6.51
N CYS A 4 8.06 -3.23 -6.27
CA CYS A 4 7.37 -2.65 -5.13
C CYS A 4 5.97 -2.18 -5.52
N LEU A 5 5.26 -1.58 -4.57
CA LEU A 5 3.92 -1.09 -4.81
C LEU A 5 3.88 0.44 -4.84
N PHE A 6 3.56 1.01 -5.99
CA PHE A 6 3.50 2.46 -6.15
C PHE A 6 2.10 2.98 -5.82
N ARG A 7 1.95 4.29 -5.85
CA ARG A 7 0.66 4.91 -5.56
C ARG A 7 -0.42 4.41 -6.51
N GLY A 8 -1.63 4.24 -5.99
CA GLY A 8 -2.73 3.75 -6.79
C GLY A 8 -2.61 2.27 -7.10
N ALA A 9 -1.93 1.54 -6.23
CA ALA A 9 -1.74 0.11 -6.41
C ALA A 9 -2.63 -0.69 -5.46
N ARG A 10 -2.77 -1.98 -5.72
CA ARG A 10 -3.59 -2.85 -4.89
C ARG A 10 -2.74 -3.56 -3.84
N CYS A 11 -3.13 -3.43 -2.58
CA CYS A 11 -2.41 -4.07 -1.48
C CYS A 11 -3.37 -4.47 -0.37
N ARG A 12 -2.87 -5.23 0.60
CA ARG A 12 -3.68 -5.69 1.72
C ARG A 12 -2.95 -5.48 3.04
N VAL A 13 -3.66 -5.68 4.14
CA VAL A 13 -3.08 -5.52 5.47
C VAL A 13 -1.93 -6.49 5.71
N TYR A 14 -2.19 -7.77 5.46
CA TYR A 14 -1.18 -8.81 5.67
C TYR A 14 -0.36 -9.05 4.41
N SER A 15 -0.29 -8.06 3.53
CA SER A 15 0.48 -8.18 2.29
C SER A 15 1.95 -8.45 2.59
N GLY A 16 2.70 -8.83 1.55
CA GLY A 16 4.10 -9.11 1.73
C GLY A 16 4.90 -7.87 2.12
N ARG A 17 5.94 -7.57 1.34
CA ARG A 17 6.77 -6.41 1.61
C ARG A 17 5.94 -5.12 1.54
N SER A 18 6.47 -4.05 2.13
CA SER A 18 5.78 -2.77 2.13
C SER A 18 5.77 -2.16 0.74
N CYS A 19 5.18 -0.97 0.62
CA CYS A 19 5.11 -0.28 -0.66
C CYS A 19 6.48 0.22 -1.08
N CYS A 20 6.53 0.94 -2.20
CA CYS A 20 7.79 1.47 -2.71
C CYS A 20 8.43 2.41 -1.70
N PHE A 21 9.62 2.90 -2.01
CA PHE A 21 10.33 3.82 -1.13
C PHE A 21 9.58 5.13 -0.97
N GLY A 22 9.14 5.42 0.25
CA GLY A 22 8.42 6.65 0.50
C GLY A 22 6.91 6.47 0.37
N TYR A 23 6.47 5.24 0.16
CA TYR A 23 5.04 4.96 0.01
C TYR A 23 4.62 3.82 0.92
N TYR A 24 3.36 3.84 1.35
CA TYR A 24 2.83 2.81 2.23
C TYR A 24 1.46 2.33 1.76
N CYS A 25 0.92 1.33 2.44
CA CYS A 25 -0.39 0.78 2.10
C CYS A 25 -1.43 1.18 3.14
N ARG A 26 -2.61 1.58 2.67
CA ARG A 26 -3.70 1.99 3.55
C ARG A 26 -4.98 1.23 3.22
N ARG A 27 -5.71 0.86 4.26
CA ARG A 27 -6.96 0.13 4.09
C ARG A 27 -8.04 1.02 3.48
N ASP A 28 -9.08 0.40 2.94
CA ASP A 28 -10.18 1.14 2.33
C ASP A 28 -11.00 1.86 3.39
N PHE A 29 -11.50 1.11 4.36
CA PHE A 29 -12.30 1.68 5.43
C PHE A 29 -12.16 0.86 6.71
N PRO A 30 -12.56 1.42 7.86
CA PRO A 30 -12.47 0.74 9.15
C PRO A 30 -13.04 -0.68 9.10
N GLY A 31 -12.17 -1.65 8.87
CA GLY A 31 -12.60 -3.04 8.81
C GLY A 31 -12.48 -3.60 7.40
N SER A 32 -11.39 -3.28 6.72
CA SER A 32 -11.15 -3.76 5.37
C SER A 32 -10.01 -4.76 5.34
N ILE A 33 -9.90 -5.49 4.23
CA ILE A 33 -8.85 -6.49 4.08
C ILE A 33 -7.87 -6.09 2.97
N PHE A 34 -8.38 -5.39 1.96
CA PHE A 34 -7.54 -4.94 0.85
C PHE A 34 -7.79 -3.47 0.56
N GLY A 35 -6.70 -2.70 0.45
CA GLY A 35 -6.83 -1.28 0.17
C GLY A 35 -5.94 -0.83 -0.97
N THR A 36 -5.52 0.43 -0.93
CA THR A 36 -4.66 0.99 -1.97
C THR A 36 -3.38 1.57 -1.37
N CYS A 37 -2.37 1.76 -2.21
CA CYS A 37 -1.10 2.31 -1.76
C CYS A 37 -1.05 3.82 -1.98
N SER A 38 -0.51 4.54 -0.99
CA SER A 38 -0.41 5.98 -1.08
C SER A 38 1.01 6.45 -0.74
N ARG A 39 1.30 7.72 -1.03
CA ARG A 39 2.62 8.28 -0.76
C ARG A 39 2.75 8.69 0.71
N ARG A 40 3.97 8.67 1.21
CA ARG A 40 4.24 9.04 2.60
C ARG A 40 4.33 10.54 2.76
N ASN A 41 3.92 11.04 3.92
CA ASN A 41 3.96 12.47 4.21
C ASN A 41 3.65 12.75 5.68
N PHE A 42 4.64 12.51 6.53
CA PHE A 42 4.48 12.73 7.96
C PHE A 42 5.42 13.82 8.46
N TYR A 1 11.89 -1.37 -9.28
CA TYR A 1 10.45 -0.98 -9.40
C TYR A 1 9.53 -2.19 -9.34
N ILE A 2 10.06 -3.36 -9.71
CA ILE A 2 9.29 -4.59 -9.69
C ILE A 2 9.47 -5.35 -8.38
N THR A 3 9.97 -4.66 -7.35
CA THR A 3 10.19 -5.27 -6.04
C THR A 3 9.25 -4.69 -4.99
N CYS A 4 8.76 -3.48 -5.25
CA CYS A 4 7.85 -2.80 -4.33
C CYS A 4 6.54 -2.45 -5.01
N LEU A 5 5.66 -1.77 -4.28
CA LEU A 5 4.36 -1.36 -4.83
C LEU A 5 4.36 0.12 -5.18
N PHE A 6 3.85 0.44 -6.36
CA PHE A 6 3.79 1.82 -6.83
C PHE A 6 2.47 2.47 -6.41
N ARG A 7 2.45 3.80 -6.40
CA ARG A 7 1.25 4.54 -6.02
C ARG A 7 0.07 4.18 -6.92
N GLY A 8 -1.12 4.13 -6.34
CA GLY A 8 -2.30 3.80 -7.12
C GLY A 8 -2.42 2.32 -7.40
N ALA A 9 -1.81 1.51 -6.54
CA ALA A 9 -1.84 0.05 -6.69
C ALA A 9 -2.78 -0.58 -5.67
N ARG A 10 -2.97 -1.90 -5.80
CA ARG A 10 -3.84 -2.62 -4.89
C ARG A 10 -3.03 -3.45 -3.91
N CYS A 11 -3.12 -3.10 -2.63
CA CYS A 11 -2.39 -3.81 -1.59
C CYS A 11 -3.33 -4.21 -0.46
N ARG A 12 -2.93 -5.22 0.32
CA ARG A 12 -3.75 -5.70 1.43
C ARG A 12 -3.01 -5.57 2.75
N VAL A 13 -3.76 -5.60 3.84
CA VAL A 13 -3.19 -5.48 5.18
C VAL A 13 -2.12 -6.53 5.43
N TYR A 14 -2.44 -7.79 5.12
CA TYR A 14 -1.52 -8.90 5.32
C TYR A 14 -0.65 -9.14 4.09
N SER A 15 -0.45 -8.11 3.28
CA SER A 15 0.36 -8.23 2.07
C SER A 15 1.82 -8.55 2.43
N GLY A 16 2.63 -8.80 1.41
CA GLY A 16 4.03 -9.12 1.63
C GLY A 16 4.84 -7.90 2.04
N ARG A 17 5.90 -7.63 1.31
CA ARG A 17 6.77 -6.48 1.60
C ARG A 17 5.98 -5.18 1.54
N SER A 18 6.54 -4.13 2.11
CA SER A 18 5.89 -2.82 2.13
C SER A 18 5.92 -2.19 0.74
N CYS A 19 5.31 -1.02 0.62
CA CYS A 19 5.26 -0.31 -0.65
C CYS A 19 6.63 0.23 -1.03
N CYS A 20 6.69 0.95 -2.14
CA CYS A 20 7.95 1.52 -2.61
C CYS A 20 8.47 2.58 -1.65
N PHE A 21 9.59 3.20 -2.00
CA PHE A 21 10.18 4.24 -1.16
C PHE A 21 9.34 5.51 -1.19
N GLY A 22 8.71 5.83 -0.06
CA GLY A 22 7.90 7.03 0.02
C GLY A 22 6.41 6.72 -0.08
N TYR A 23 6.05 5.44 -0.04
CA TYR A 23 4.65 5.02 -0.13
C TYR A 23 4.37 3.87 0.83
N TYR A 24 3.12 3.80 1.29
CA TYR A 24 2.71 2.74 2.21
C TYR A 24 1.38 2.14 1.80
N CYS A 25 0.88 1.19 2.59
CA CYS A 25 -0.38 0.54 2.30
C CYS A 25 -1.46 0.97 3.29
N ARG A 26 -2.51 1.59 2.77
CA ARG A 26 -3.61 2.06 3.61
C ARG A 26 -4.89 1.31 3.29
N ARG A 27 -5.66 1.00 4.33
CA ARG A 27 -6.92 0.28 4.16
C ARG A 27 -8.05 1.24 3.77
N ASP A 28 -9.09 0.69 3.16
CA ASP A 28 -10.23 1.49 2.74
C ASP A 28 -10.94 2.11 3.95
N PHE A 29 -11.49 1.24 4.79
CA PHE A 29 -12.21 1.69 5.99
C PHE A 29 -12.00 0.71 7.14
N PRO A 30 -12.24 1.16 8.38
CA PRO A 30 -12.08 0.31 9.56
C PRO A 30 -12.86 -1.00 9.44
N GLY A 31 -12.16 -2.05 9.00
CA GLY A 31 -12.80 -3.34 8.84
C GLY A 31 -12.44 -4.01 7.52
N SER A 32 -11.97 -3.22 6.57
CA SER A 32 -11.59 -3.75 5.26
C SER A 32 -10.31 -4.57 5.36
N ILE A 33 -10.06 -5.40 4.35
CA ILE A 33 -8.87 -6.24 4.33
C ILE A 33 -7.89 -5.76 3.26
N PHE A 34 -8.41 -5.19 2.18
CA PHE A 34 -7.57 -4.68 1.10
C PHE A 34 -7.73 -3.18 0.94
N GLY A 35 -6.69 -2.52 0.44
CA GLY A 35 -6.73 -1.08 0.24
C GLY A 35 -5.91 -0.64 -0.94
N THR A 36 -5.39 0.59 -0.87
CA THR A 36 -4.58 1.14 -1.95
C THR A 36 -3.30 1.77 -1.41
N CYS A 37 -2.23 1.68 -2.19
CA CYS A 37 -0.94 2.24 -1.78
C CYS A 37 -0.90 3.75 -2.03
N SER A 38 -0.56 4.50 -0.98
CA SER A 38 -0.49 5.95 -1.07
C SER A 38 0.83 6.46 -0.51
N ARG A 39 1.28 7.62 -1.01
CA ARG A 39 2.52 8.22 -0.54
C ARG A 39 2.47 8.52 0.94
N ARG A 40 3.63 8.84 1.53
CA ARG A 40 3.71 9.16 2.94
C ARG A 40 3.72 10.66 3.17
N ASN A 41 4.55 11.36 2.41
CA ASN A 41 4.65 12.82 2.52
C ASN A 41 5.19 13.42 1.23
N PHE A 42 4.82 14.68 0.98
CA PHE A 42 5.26 15.38 -0.23
C PHE A 42 6.08 16.61 0.12
N TYR A 1 13.87 0.06 -11.84
CA TYR A 1 14.37 -1.32 -12.06
C TYR A 1 13.42 -2.34 -11.43
N ILE A 2 13.39 -2.37 -10.10
CA ILE A 2 12.54 -3.31 -9.39
C ILE A 2 11.10 -2.81 -9.33
N THR A 3 10.17 -3.66 -9.76
CA THR A 3 8.76 -3.31 -9.76
C THR A 3 8.15 -3.51 -8.37
N CYS A 4 8.20 -2.47 -7.55
CA CYS A 4 7.65 -2.55 -6.19
C CYS A 4 6.22 -1.98 -6.16
N LEU A 5 5.62 -2.00 -4.97
CA LEU A 5 4.26 -1.51 -4.81
C LEU A 5 4.24 0.02 -4.79
N PHE A 6 4.11 0.62 -5.96
CA PHE A 6 4.07 2.08 -6.08
C PHE A 6 2.64 2.60 -5.97
N ARG A 7 2.51 3.93 -5.95
CA ARG A 7 1.19 4.55 -5.85
C ARG A 7 0.28 4.09 -6.98
N GLY A 8 -1.03 4.16 -6.74
CA GLY A 8 -1.99 3.75 -7.75
C GLY A 8 -2.04 2.24 -7.90
N ALA A 9 -1.65 1.52 -6.86
CA ALA A 9 -1.66 0.07 -6.89
C ALA A 9 -2.61 -0.50 -5.83
N ARG A 10 -2.70 -1.82 -5.77
CA ARG A 10 -3.56 -2.49 -4.81
C ARG A 10 -2.75 -3.30 -3.80
N CYS A 11 -3.13 -3.21 -2.54
CA CYS A 11 -2.43 -3.93 -1.47
C CYS A 11 -3.39 -4.28 -0.34
N ARG A 12 -3.04 -5.29 0.45
CA ARG A 12 -3.88 -5.71 1.57
C ARG A 12 -3.13 -5.57 2.89
N VAL A 13 -3.89 -5.57 3.99
CA VAL A 13 -3.30 -5.44 5.32
C VAL A 13 -2.29 -6.55 5.61
N TYR A 14 -2.65 -7.77 5.23
CA TYR A 14 -1.80 -8.93 5.46
C TYR A 14 -0.86 -9.18 4.27
N SER A 15 -0.62 -8.15 3.47
CA SER A 15 0.28 -8.27 2.33
C SER A 15 1.72 -8.45 2.77
N GLY A 16 2.60 -8.75 1.82
CA GLY A 16 4.00 -8.95 2.13
C GLY A 16 4.66 -7.67 2.61
N ARG A 17 5.76 -7.29 1.95
CA ARG A 17 6.48 -6.09 2.31
C ARG A 17 5.63 -4.85 2.08
N SER A 18 6.13 -3.70 2.52
CA SER A 18 5.40 -2.44 2.36
C SER A 18 5.52 -1.91 0.93
N CYS A 19 4.96 -0.74 0.69
CA CYS A 19 5.00 -0.12 -0.63
C CYS A 19 6.41 0.34 -0.96
N CYS A 20 6.59 0.95 -2.13
CA CYS A 20 7.89 1.43 -2.56
C CYS A 20 8.45 2.43 -1.55
N PHE A 21 9.61 3.01 -1.87
CA PHE A 21 10.26 3.97 -0.99
C PHE A 21 9.45 5.27 -0.92
N GLY A 22 9.04 5.63 0.29
CA GLY A 22 8.27 6.85 0.47
C GLY A 22 6.77 6.61 0.33
N TYR A 23 6.38 5.36 0.15
CA TYR A 23 4.97 5.01 0.00
C TYR A 23 4.60 3.85 0.91
N TYR A 24 3.38 3.86 1.42
CA TYR A 24 2.90 2.81 2.30
C TYR A 24 1.57 2.25 1.82
N CYS A 25 1.03 1.28 2.57
CA CYS A 25 -0.24 0.67 2.21
C CYS A 25 -1.33 1.08 3.18
N ARG A 26 -2.43 1.61 2.64
CA ARG A 26 -3.56 2.04 3.46
C ARG A 26 -4.83 1.29 3.08
N ARG A 27 -5.60 0.87 4.08
CA ARG A 27 -6.84 0.16 3.85
C ARG A 27 -7.98 1.12 3.52
N ASP A 28 -9.14 0.56 3.22
CA ASP A 28 -10.31 1.38 2.88
C ASP A 28 -10.93 1.99 4.13
N PHE A 29 -11.48 1.13 4.99
CA PHE A 29 -12.10 1.58 6.22
C PHE A 29 -11.90 0.56 7.34
N PRO A 30 -12.10 0.98 8.60
CA PRO A 30 -11.95 0.09 9.77
C PRO A 30 -12.68 -1.23 9.59
N GLY A 31 -11.98 -2.24 9.07
CA GLY A 31 -12.58 -3.54 8.87
C GLY A 31 -12.29 -4.11 7.49
N SER A 32 -11.73 -3.28 6.61
CA SER A 32 -11.40 -3.71 5.26
C SER A 32 -10.18 -4.63 5.26
N ILE A 33 -10.08 -5.47 4.23
CA ILE A 33 -8.97 -6.40 4.12
C ILE A 33 -7.98 -5.95 3.03
N PHE A 34 -8.50 -5.26 2.03
CA PHE A 34 -7.67 -4.76 0.93
C PHE A 34 -7.86 -3.26 0.73
N GLY A 35 -6.81 -2.59 0.30
CA GLY A 35 -6.88 -1.16 0.08
C GLY A 35 -6.03 -0.70 -1.10
N THR A 36 -5.51 0.51 -1.03
CA THR A 36 -4.68 1.06 -2.08
C THR A 36 -3.43 1.71 -1.53
N CYS A 37 -2.37 1.76 -2.33
CA CYS A 37 -1.11 2.35 -1.92
C CYS A 37 -1.17 3.88 -1.99
N SER A 38 -0.69 4.54 -0.94
CA SER A 38 -0.69 5.99 -0.89
C SER A 38 0.68 6.52 -0.51
N ARG A 39 1.09 7.61 -1.16
CA ARG A 39 2.39 8.22 -0.88
C ARG A 39 2.50 8.64 0.58
N ARG A 40 3.68 8.43 1.16
CA ARG A 40 3.92 8.78 2.55
C ARG A 40 4.30 10.25 2.68
N ASN A 41 3.97 10.85 3.82
CA ASN A 41 4.28 12.25 4.06
C ASN A 41 5.46 12.39 5.02
N PHE A 42 5.81 13.63 5.34
CA PHE A 42 6.93 13.90 6.25
C PHE A 42 6.57 13.50 7.68
N TYR A 1 17.13 -1.51 -10.67
CA TYR A 1 16.16 -2.47 -11.27
C TYR A 1 15.40 -3.24 -10.20
N ILE A 2 14.26 -2.70 -9.78
CA ILE A 2 13.44 -3.33 -8.76
C ILE A 2 11.96 -3.08 -9.01
N THR A 3 11.11 -3.94 -8.44
CA THR A 3 9.67 -3.80 -8.60
C THR A 3 8.97 -3.77 -7.24
N CYS A 4 8.24 -2.70 -6.99
CA CYS A 4 7.52 -2.54 -5.73
C CYS A 4 6.15 -1.92 -5.96
N LEU A 5 5.42 -1.68 -4.87
CA LEU A 5 4.09 -1.10 -4.96
C LEU A 5 4.16 0.43 -4.96
N PHE A 6 3.78 1.03 -6.07
CA PHE A 6 3.79 2.49 -6.19
C PHE A 6 2.38 3.05 -6.16
N ARG A 7 2.26 4.37 -6.20
CA ARG A 7 0.97 5.04 -6.17
C ARG A 7 0.01 4.43 -7.20
N GLY A 8 -1.20 4.14 -6.78
CA GLY A 8 -2.18 3.55 -7.67
C GLY A 8 -2.03 2.05 -7.80
N ALA A 9 -1.56 1.42 -6.73
CA ALA A 9 -1.37 -0.04 -6.73
C ALA A 9 -2.30 -0.71 -5.74
N ARG A 10 -2.45 -2.03 -5.87
CA ARG A 10 -3.31 -2.79 -4.99
C ARG A 10 -2.51 -3.50 -3.91
N CYS A 11 -2.88 -3.28 -2.66
CA CYS A 11 -2.19 -3.89 -1.53
C CYS A 11 -3.15 -4.13 -0.36
N ARG A 12 -3.04 -5.28 0.28
CA ARG A 12 -3.90 -5.61 1.40
C ARG A 12 -3.18 -5.37 2.73
N VAL A 13 -3.91 -5.56 3.83
CA VAL A 13 -3.34 -5.35 5.16
C VAL A 13 -2.28 -6.41 5.48
N TYR A 14 -2.61 -7.66 5.21
CA TYR A 14 -1.71 -8.77 5.48
C TYR A 14 -0.80 -9.08 4.28
N SER A 15 -0.63 -8.10 3.40
CA SER A 15 0.21 -8.28 2.22
C SER A 15 1.66 -8.51 2.62
N GLY A 16 2.52 -8.71 1.62
CA GLY A 16 3.93 -8.94 1.88
C GLY A 16 4.59 -7.74 2.52
N ARG A 17 5.67 -7.26 1.92
CA ARG A 17 6.39 -6.11 2.43
C ARG A 17 5.60 -4.82 2.21
N SER A 18 6.19 -3.69 2.58
CA SER A 18 5.53 -2.40 2.42
C SER A 18 5.68 -1.90 0.98
N CYS A 19 5.07 -0.75 0.71
CA CYS A 19 5.13 -0.17 -0.64
C CYS A 19 6.53 0.34 -0.95
N CYS A 20 6.68 0.98 -2.11
CA CYS A 20 7.98 1.50 -2.53
C CYS A 20 8.55 2.45 -1.48
N PHE A 21 9.74 2.97 -1.75
CA PHE A 21 10.41 3.89 -0.83
C PHE A 21 9.57 5.14 -0.63
N GLY A 22 9.15 5.37 0.61
CA GLY A 22 8.34 6.54 0.92
C GLY A 22 6.86 6.32 0.63
N TYR A 23 6.45 5.06 0.54
CA TYR A 23 5.06 4.73 0.26
C TYR A 23 4.56 3.65 1.21
N TYR A 24 3.31 3.78 1.63
CA TYR A 24 2.70 2.81 2.55
C TYR A 24 1.43 2.23 1.95
N CYS A 25 0.79 1.34 2.71
CA CYS A 25 -0.45 0.71 2.25
C CYS A 25 -1.63 1.16 3.11
N ARG A 26 -2.57 1.85 2.48
CA ARG A 26 -3.76 2.34 3.19
C ARG A 26 -4.99 1.52 2.82
N ARG A 27 -5.72 1.10 3.85
CA ARG A 27 -6.93 0.30 3.64
C ARG A 27 -8.13 1.20 3.31
N ASP A 28 -9.30 0.60 3.23
CA ASP A 28 -10.53 1.34 2.92
C ASP A 28 -11.07 2.01 4.17
N PHE A 29 -11.45 1.20 5.16
CA PHE A 29 -11.98 1.72 6.41
C PHE A 29 -11.79 0.71 7.54
N PRO A 30 -11.90 1.17 8.80
CA PRO A 30 -11.72 0.30 9.97
C PRO A 30 -12.50 -1.01 9.83
N GLY A 31 -11.81 -2.04 9.33
CA GLY A 31 -12.44 -3.34 9.16
C GLY A 31 -12.42 -3.81 7.72
N SER A 32 -11.33 -3.48 7.01
CA SER A 32 -11.19 -3.87 5.62
C SER A 32 -10.12 -4.94 5.46
N ILE A 33 -10.01 -5.50 4.26
CA ILE A 33 -9.03 -6.54 3.98
C ILE A 33 -8.06 -6.11 2.88
N PHE A 34 -8.56 -5.37 1.90
CA PHE A 34 -7.72 -4.90 0.80
C PHE A 34 -7.90 -3.41 0.56
N GLY A 35 -6.84 -2.76 0.10
CA GLY A 35 -6.88 -1.33 -0.16
C GLY A 35 -5.98 -0.93 -1.31
N THR A 36 -5.49 0.30 -1.27
CA THR A 36 -4.60 0.82 -2.31
C THR A 36 -3.38 1.49 -1.70
N CYS A 37 -2.29 1.52 -2.47
CA CYS A 37 -1.06 2.13 -2.01
C CYS A 37 -1.15 3.66 -2.07
N SER A 38 -0.66 4.33 -1.02
CA SER A 38 -0.68 5.79 -0.96
C SER A 38 0.68 6.33 -0.59
N ARG A 39 1.11 7.38 -1.29
CA ARG A 39 2.41 8.00 -1.03
C ARG A 39 2.48 8.52 0.42
N ARG A 40 3.66 8.43 1.00
CA ARG A 40 3.87 8.89 2.37
C ARG A 40 4.27 10.36 2.41
N ASN A 41 3.42 11.19 3.00
CA ASN A 41 3.68 12.62 3.10
C ASN A 41 4.11 12.99 4.52
N PHE A 42 5.34 13.49 4.65
CA PHE A 42 5.87 13.88 5.94
C PHE A 42 5.94 12.70 6.89
N TYR A 1 13.18 -2.02 -13.79
CA TYR A 1 11.90 -2.73 -13.51
C TYR A 1 11.25 -2.19 -12.24
N ILE A 2 10.14 -2.81 -11.85
CA ILE A 2 9.41 -2.39 -10.64
C ILE A 2 9.18 -3.58 -9.72
N THR A 3 9.84 -3.57 -8.57
CA THR A 3 9.70 -4.63 -7.59
C THR A 3 9.06 -4.12 -6.30
N CYS A 4 8.24 -3.08 -6.42
CA CYS A 4 7.58 -2.49 -5.27
C CYS A 4 6.24 -1.89 -5.66
N LEU A 5 5.29 -1.90 -4.73
CA LEU A 5 3.96 -1.35 -4.98
C LEU A 5 4.03 0.16 -5.18
N PHE A 6 3.80 0.60 -6.41
CA PHE A 6 3.83 2.02 -6.72
C PHE A 6 2.45 2.65 -6.56
N ARG A 7 2.40 3.98 -6.57
CA ARG A 7 1.14 4.71 -6.42
C ARG A 7 0.08 4.16 -7.36
N GLY A 8 -1.13 3.96 -6.83
CA GLY A 8 -2.22 3.45 -7.64
C GLY A 8 -2.21 1.93 -7.71
N ALA A 9 -1.67 1.29 -6.69
CA ALA A 9 -1.61 -0.17 -6.65
C ALA A 9 -2.45 -0.71 -5.50
N ARG A 10 -2.90 -1.95 -5.64
CA ARG A 10 -3.71 -2.59 -4.62
C ARG A 10 -2.84 -3.37 -3.63
N CYS A 11 -3.03 -3.11 -2.34
CA CYS A 11 -2.27 -3.77 -1.31
C CYS A 11 -3.14 -4.05 -0.09
N ARG A 12 -2.94 -5.23 0.51
CA ARG A 12 -3.71 -5.62 1.69
C ARG A 12 -2.86 -5.49 2.96
N VAL A 13 -3.49 -5.74 4.10
CA VAL A 13 -2.80 -5.64 5.38
C VAL A 13 -1.77 -6.77 5.53
N TYR A 14 -2.19 -7.98 5.19
CA TYR A 14 -1.32 -9.15 5.31
C TYR A 14 -0.54 -9.39 4.02
N SER A 15 -0.38 -8.36 3.20
CA SER A 15 0.34 -8.47 1.94
C SER A 15 1.82 -8.78 2.20
N GLY A 16 2.58 -8.93 1.12
CA GLY A 16 4.00 -9.23 1.25
C GLY A 16 4.79 -8.03 1.74
N ARG A 17 5.82 -7.66 1.00
CA ARG A 17 6.66 -6.52 1.36
C ARG A 17 5.86 -5.22 1.33
N SER A 18 6.44 -4.16 1.88
CA SER A 18 5.79 -2.86 1.92
C SER A 18 5.84 -2.19 0.55
N CYS A 19 5.23 -1.00 0.47
CA CYS A 19 5.21 -0.25 -0.78
C CYS A 19 6.59 0.29 -1.12
N CYS A 20 6.68 1.06 -2.20
CA CYS A 20 7.95 1.63 -2.63
C CYS A 20 8.46 2.62 -1.59
N PHE A 21 9.73 3.02 -1.73
CA PHE A 21 10.34 3.96 -0.79
C PHE A 21 9.60 5.28 -0.81
N GLY A 22 8.90 5.58 0.28
CA GLY A 22 8.15 6.83 0.38
C GLY A 22 6.65 6.62 0.34
N TYR A 23 6.22 5.40 0.00
CA TYR A 23 4.80 5.09 -0.06
C TYR A 23 4.44 3.96 0.90
N TYR A 24 3.25 4.03 1.48
CA TYR A 24 2.79 3.01 2.41
C TYR A 24 1.45 2.42 1.96
N CYS A 25 0.92 1.50 2.76
CA CYS A 25 -0.35 0.85 2.44
C CYS A 25 -1.43 1.24 3.45
N ARG A 26 -2.52 1.80 2.96
CA ARG A 26 -3.62 2.22 3.84
C ARG A 26 -4.87 1.39 3.55
N ARG A 27 -5.71 1.24 4.58
CA ARG A 27 -6.95 0.47 4.44
C ARG A 27 -8.00 1.28 3.72
N ASP A 28 -9.02 0.59 3.19
CA ASP A 28 -10.10 1.25 2.48
C ASP A 28 -11.09 1.90 3.44
N PHE A 29 -11.59 1.12 4.39
CA PHE A 29 -12.54 1.61 5.37
C PHE A 29 -12.50 0.76 6.64
N PRO A 30 -13.01 1.30 7.77
CA PRO A 30 -13.03 0.59 9.05
C PRO A 30 -13.65 -0.80 8.92
N GLY A 31 -12.80 -1.82 8.90
CA GLY A 31 -13.28 -3.18 8.78
C GLY A 31 -12.94 -3.81 7.44
N SER A 32 -11.90 -3.30 6.80
CA SER A 32 -11.48 -3.81 5.49
C SER A 32 -10.15 -4.55 5.61
N ILE A 33 -9.96 -5.56 4.77
CA ILE A 33 -8.74 -6.35 4.77
C ILE A 33 -7.78 -5.87 3.69
N PHE A 34 -8.34 -5.37 2.58
CA PHE A 34 -7.54 -4.87 1.48
C PHE A 34 -7.62 -3.36 1.37
N GLY A 35 -6.58 -2.74 0.80
CA GLY A 35 -6.56 -1.30 0.66
C GLY A 35 -5.78 -0.86 -0.57
N THR A 36 -5.24 0.35 -0.51
CA THR A 36 -4.47 0.90 -1.61
C THR A 36 -3.16 1.50 -1.13
N CYS A 37 -2.26 1.79 -2.06
CA CYS A 37 -0.96 2.37 -1.72
C CYS A 37 -0.97 3.88 -1.88
N SER A 38 -0.48 4.58 -0.87
CA SER A 38 -0.43 6.04 -0.90
C SER A 38 0.96 6.55 -0.55
N ARG A 39 1.23 7.82 -0.85
CA ARG A 39 2.53 8.42 -0.57
C ARG A 39 2.62 8.82 0.91
N ARG A 40 3.85 8.91 1.41
CA ARG A 40 4.08 9.28 2.80
C ARG A 40 3.91 10.79 2.99
N ASN A 41 3.46 11.19 4.17
CA ASN A 41 3.26 12.59 4.48
C ASN A 41 4.27 13.08 5.52
N PHE A 42 4.31 14.39 5.74
CA PHE A 42 5.22 14.97 6.71
C PHE A 42 4.47 15.66 7.83
N TYR A 1 13.26 0.63 -13.14
CA TYR A 1 12.55 1.61 -12.26
C TYR A 1 11.22 1.04 -11.78
N ILE A 2 11.16 -0.28 -11.63
CA ILE A 2 9.95 -0.95 -11.18
C ILE A 2 10.27 -2.28 -10.51
N THR A 3 9.73 -2.48 -9.32
CA THR A 3 9.96 -3.72 -8.57
C THR A 3 9.06 -3.78 -7.34
N CYS A 4 8.89 -2.65 -6.68
CA CYS A 4 8.07 -2.57 -5.49
C CYS A 4 6.70 -1.96 -5.81
N LEU A 5 5.78 -2.05 -4.86
CA LEU A 5 4.43 -1.51 -5.04
C LEU A 5 4.49 -0.01 -5.22
N PHE A 6 3.95 0.47 -6.34
CA PHE A 6 3.93 1.89 -6.64
C PHE A 6 2.56 2.48 -6.33
N ARG A 7 2.47 3.81 -6.38
CA ARG A 7 1.22 4.50 -6.11
C ARG A 7 0.13 4.05 -7.07
N GLY A 8 -1.11 4.06 -6.60
CA GLY A 8 -2.23 3.65 -7.44
C GLY A 8 -2.25 2.15 -7.68
N ALA A 9 -1.69 1.40 -6.74
CA ALA A 9 -1.64 -0.06 -6.86
C ALA A 9 -2.49 -0.72 -5.78
N ARG A 10 -2.73 -2.02 -5.92
CA ARG A 10 -3.52 -2.76 -4.96
C ARG A 10 -2.63 -3.44 -3.93
N CYS A 11 -2.95 -3.24 -2.65
CA CYS A 11 -2.18 -3.84 -1.57
C CYS A 11 -3.07 -4.14 -0.37
N ARG A 12 -2.86 -5.31 0.24
CA ARG A 12 -3.65 -5.71 1.40
C ARG A 12 -2.85 -5.55 2.68
N VAL A 13 -3.52 -5.76 3.81
CA VAL A 13 -2.88 -5.64 5.11
C VAL A 13 -1.85 -6.75 5.34
N TYR A 14 -2.24 -7.97 5.00
CA TYR A 14 -1.38 -9.14 5.18
C TYR A 14 -0.52 -9.40 3.94
N SER A 15 -0.34 -8.38 3.11
CA SER A 15 0.46 -8.51 1.90
C SER A 15 1.93 -8.79 2.25
N GLY A 16 2.75 -8.93 1.22
CA GLY A 16 4.17 -9.18 1.44
C GLY A 16 4.91 -7.96 1.93
N ARG A 17 5.98 -7.58 1.23
CA ARG A 17 6.77 -6.43 1.60
C ARG A 17 5.94 -5.15 1.50
N SER A 18 6.42 -4.09 2.15
CA SER A 18 5.72 -2.81 2.13
C SER A 18 5.79 -2.17 0.76
N CYS A 19 5.19 -0.99 0.62
CA CYS A 19 5.19 -0.27 -0.65
C CYS A 19 6.58 0.26 -0.97
N CYS A 20 6.69 1.00 -2.08
CA CYS A 20 7.96 1.56 -2.49
C CYS A 20 8.45 2.60 -1.49
N PHE A 21 9.64 3.14 -1.73
CA PHE A 21 10.22 4.15 -0.85
C PHE A 21 9.34 5.40 -0.80
N GLY A 22 8.88 5.73 0.40
CA GLY A 22 8.04 6.90 0.56
C GLY A 22 6.58 6.61 0.25
N TYR A 23 6.21 5.34 0.28
CA TYR A 23 4.84 4.94 0.00
C TYR A 23 4.40 3.82 0.94
N TYR A 24 3.11 3.79 1.27
CA TYR A 24 2.57 2.78 2.17
C TYR A 24 1.17 2.35 1.74
N CYS A 25 0.62 1.35 2.41
CA CYS A 25 -0.71 0.85 2.10
C CYS A 25 -1.75 1.46 3.04
N ARG A 26 -2.88 1.87 2.47
CA ARG A 26 -3.96 2.47 3.26
C ARG A 26 -5.23 1.65 3.13
N ARG A 27 -5.86 1.36 4.25
CA ARG A 27 -7.09 0.58 4.27
C ARG A 27 -8.25 1.39 3.69
N ASP A 28 -9.31 0.69 3.29
CA ASP A 28 -10.49 1.33 2.72
C ASP A 28 -11.31 2.03 3.80
N PHE A 29 -11.74 1.24 4.79
CA PHE A 29 -12.54 1.78 5.89
C PHE A 29 -12.42 0.90 7.14
N PRO A 30 -12.80 1.43 8.31
CA PRO A 30 -12.72 0.70 9.57
C PRO A 30 -13.36 -0.69 9.47
N GLY A 31 -12.53 -1.71 9.31
CA GLY A 31 -13.02 -3.06 9.20
C GLY A 31 -12.79 -3.65 7.83
N SER A 32 -11.79 -3.15 7.12
CA SER A 32 -11.48 -3.62 5.78
C SER A 32 -10.29 -4.58 5.80
N ILE A 33 -10.07 -5.28 4.70
CA ILE A 33 -8.96 -6.21 4.59
C ILE A 33 -7.92 -5.73 3.59
N PHE A 34 -8.38 -5.31 2.41
CA PHE A 34 -7.49 -4.82 1.37
C PHE A 34 -7.54 -3.29 1.29
N GLY A 35 -6.49 -2.70 0.70
CA GLY A 35 -6.44 -1.26 0.58
C GLY A 35 -5.67 -0.81 -0.65
N THR A 36 -5.25 0.44 -0.66
CA THR A 36 -4.51 1.00 -1.77
C THR A 36 -3.21 1.66 -1.30
N CYS A 37 -2.21 1.65 -2.16
CA CYS A 37 -0.92 2.25 -1.82
C CYS A 37 -0.95 3.77 -1.99
N SER A 38 -0.55 4.49 -0.95
CA SER A 38 -0.54 5.95 -0.98
C SER A 38 0.81 6.49 -0.53
N ARG A 39 1.13 7.71 -0.95
CA ARG A 39 2.39 8.34 -0.58
C ARG A 39 2.41 8.71 0.90
N ARG A 40 3.48 8.34 1.59
CA ARG A 40 3.62 8.62 3.01
C ARG A 40 3.88 10.12 3.24
N ASN A 41 2.81 10.87 3.46
CA ASN A 41 2.93 12.31 3.70
C ASN A 41 2.38 12.68 5.07
N PHE A 42 2.47 13.96 5.41
CA PHE A 42 1.99 14.45 6.69
C PHE A 42 2.75 13.78 7.84
N TYR A 1 10.70 -9.00 -10.53
CA TYR A 1 10.97 -10.08 -9.54
C TYR A 1 11.29 -9.51 -8.17
N ILE A 2 11.87 -8.31 -8.16
CA ILE A 2 12.23 -7.64 -6.91
C ILE A 2 11.79 -6.18 -6.93
N THR A 3 10.61 -5.93 -7.46
CA THR A 3 10.07 -4.56 -7.53
C THR A 3 9.08 -4.31 -6.40
N CYS A 4 9.00 -3.06 -5.97
CA CYS A 4 8.09 -2.69 -4.89
C CYS A 4 6.80 -2.10 -5.45
N LEU A 5 5.75 -2.10 -4.63
CA LEU A 5 4.46 -1.57 -5.05
C LEU A 5 4.55 -0.08 -5.35
N PHE A 6 4.18 0.30 -6.56
CA PHE A 6 4.23 1.70 -6.98
C PHE A 6 2.86 2.35 -6.83
N ARG A 7 2.85 3.67 -6.71
CA ARG A 7 1.60 4.42 -6.57
C ARG A 7 0.62 4.07 -7.68
N GLY A 8 -0.64 3.85 -7.31
CA GLY A 8 -1.66 3.51 -8.30
C GLY A 8 -2.12 2.07 -8.17
N ALA A 9 -1.30 1.23 -7.53
CA ALA A 9 -1.65 -0.17 -7.35
C ALA A 9 -2.39 -0.38 -6.04
N ARG A 10 -2.90 -1.59 -5.83
CA ARG A 10 -3.64 -1.92 -4.62
C ARG A 10 -2.81 -2.80 -3.70
N CYS A 11 -3.06 -2.68 -2.40
CA CYS A 11 -2.34 -3.47 -1.40
C CYS A 11 -3.26 -3.84 -0.24
N ARG A 12 -3.08 -5.05 0.28
CA ARG A 12 -3.90 -5.53 1.39
C ARG A 12 -3.14 -5.42 2.71
N VAL A 13 -3.86 -5.60 3.81
CA VAL A 13 -3.27 -5.50 5.14
C VAL A 13 -2.20 -6.57 5.35
N TYR A 14 -2.54 -7.80 4.99
CA TYR A 14 -1.63 -8.94 5.16
C TYR A 14 -0.75 -9.15 3.93
N SER A 15 -0.60 -8.10 3.11
CA SER A 15 0.21 -8.20 1.90
C SER A 15 1.66 -8.53 2.24
N GLY A 16 2.45 -8.86 1.23
CA GLY A 16 3.84 -9.18 1.45
C GLY A 16 4.66 -7.98 1.87
N ARG A 17 5.71 -7.69 1.12
CA ARG A 17 6.57 -6.54 1.42
C ARG A 17 5.77 -5.24 1.36
N SER A 18 6.25 -4.23 2.05
CA SER A 18 5.59 -2.93 2.07
C SER A 18 5.70 -2.24 0.72
N CYS A 19 5.09 -1.06 0.61
CA CYS A 19 5.13 -0.29 -0.63
C CYS A 19 6.53 0.26 -0.89
N CYS A 20 6.67 0.98 -2.00
CA CYS A 20 7.96 1.56 -2.35
C CYS A 20 8.39 2.60 -1.34
N PHE A 21 9.66 2.99 -1.39
CA PHE A 21 10.20 3.99 -0.46
C PHE A 21 9.44 5.30 -0.58
N GLY A 22 8.88 5.76 0.53
CA GLY A 22 8.14 7.01 0.53
C GLY A 22 6.63 6.79 0.45
N TYR A 23 6.23 5.60 0.04
CA TYR A 23 4.81 5.27 -0.07
C TYR A 23 4.44 4.11 0.85
N TYR A 24 3.24 4.18 1.42
CA TYR A 24 2.77 3.14 2.33
C TYR A 24 1.38 2.64 1.91
N CYS A 25 0.92 1.60 2.59
CA CYS A 25 -0.40 1.02 2.29
C CYS A 25 -1.49 1.68 3.14
N ARG A 26 -2.71 1.69 2.61
CA ARG A 26 -3.84 2.28 3.32
C ARG A 26 -5.09 1.43 3.16
N ARG A 27 -5.84 1.29 4.25
CA ARG A 27 -7.06 0.49 4.23
C ARG A 27 -8.24 1.31 3.72
N ASP A 28 -9.32 0.63 3.36
CA ASP A 28 -10.52 1.30 2.86
C ASP A 28 -11.33 1.91 4.00
N PHE A 29 -11.66 1.08 4.99
CA PHE A 29 -12.43 1.54 6.14
C PHE A 29 -12.18 0.65 7.35
N PRO A 30 -12.49 1.15 8.56
CA PRO A 30 -12.30 0.40 9.81
C PRO A 30 -12.94 -0.99 9.74
N GLY A 31 -12.12 -2.00 9.47
CA GLY A 31 -12.62 -3.36 9.39
C GLY A 31 -12.49 -3.94 8.00
N SER A 32 -11.55 -3.41 7.22
CA SER A 32 -11.33 -3.88 5.85
C SER A 32 -10.10 -4.78 5.79
N ILE A 33 -9.98 -5.55 4.71
CA ILE A 33 -8.86 -6.46 4.54
C ILE A 33 -7.92 -5.95 3.44
N PHE A 34 -8.50 -5.51 2.32
CA PHE A 34 -7.71 -5.00 1.20
C PHE A 34 -7.80 -3.48 1.12
N GLY A 35 -6.77 -2.86 0.55
CA GLY A 35 -6.76 -1.42 0.43
C GLY A 35 -5.98 -0.95 -0.80
N THR A 36 -5.31 0.18 -0.67
CA THR A 36 -4.52 0.74 -1.77
C THR A 36 -3.27 1.44 -1.25
N CYS A 37 -2.28 1.58 -2.12
CA CYS A 37 -1.03 2.23 -1.74
C CYS A 37 -1.14 3.74 -1.86
N SER A 38 -0.64 4.46 -0.86
CA SER A 38 -0.69 5.91 -0.86
C SER A 38 0.70 6.50 -0.56
N ARG A 39 0.88 7.78 -0.86
CA ARG A 39 2.14 8.45 -0.62
C ARG A 39 2.27 8.85 0.85
N ARG A 40 3.46 8.64 1.41
CA ARG A 40 3.72 8.97 2.80
C ARG A 40 3.80 10.49 2.98
N ASN A 41 4.75 11.12 2.30
CA ASN A 41 4.93 12.56 2.38
C ASN A 41 5.73 13.08 1.19
N PHE A 42 5.18 14.06 0.50
CA PHE A 42 5.85 14.65 -0.67
C PHE A 42 6.91 15.65 -0.24
N TYR A 1 11.12 -10.41 -10.83
CA TYR A 1 10.24 -9.93 -9.74
C TYR A 1 10.99 -8.97 -8.82
N ILE A 2 11.59 -7.93 -9.40
CA ILE A 2 12.34 -6.94 -8.63
C ILE A 2 11.66 -5.58 -8.70
N THR A 3 10.51 -5.47 -8.06
CA THR A 3 9.75 -4.21 -8.05
C THR A 3 9.03 -4.04 -6.72
N CYS A 4 8.39 -2.88 -6.55
CA CYS A 4 7.65 -2.59 -5.33
C CYS A 4 6.25 -2.09 -5.64
N LEU A 5 5.48 -1.79 -4.59
CA LEU A 5 4.11 -1.30 -4.75
C LEU A 5 4.09 0.22 -4.87
N PHE A 6 3.77 0.71 -6.06
CA PHE A 6 3.69 2.15 -6.30
C PHE A 6 2.26 2.66 -6.15
N ARG A 7 2.11 3.98 -6.10
CA ARG A 7 0.78 4.58 -5.96
C ARG A 7 -0.13 4.15 -7.11
N GLY A 8 -1.36 3.78 -6.76
CA GLY A 8 -2.30 3.34 -7.77
C GLY A 8 -2.47 1.83 -7.81
N ALA A 9 -1.54 1.12 -7.19
CA ALA A 9 -1.60 -0.34 -7.14
C ALA A 9 -2.39 -0.82 -5.93
N ARG A 10 -2.79 -2.09 -5.98
CA ARG A 10 -3.56 -2.68 -4.88
C ARG A 10 -2.64 -3.37 -3.88
N CYS A 11 -3.00 -3.29 -2.61
CA CYS A 11 -2.22 -3.90 -1.54
C CYS A 11 -3.10 -4.23 -0.34
N ARG A 12 -2.91 -5.42 0.23
CA ARG A 12 -3.70 -5.84 1.39
C ARG A 12 -2.90 -5.70 2.68
N VAL A 13 -3.61 -5.71 3.80
CA VAL A 13 -2.97 -5.59 5.12
C VAL A 13 -1.89 -6.64 5.31
N TYR A 14 -2.21 -7.89 4.98
CA TYR A 14 -1.29 -9.00 5.13
C TYR A 14 -0.45 -9.22 3.88
N SER A 15 -0.34 -8.18 3.04
CA SER A 15 0.45 -8.28 1.82
C SER A 15 1.91 -8.58 2.13
N GLY A 16 2.69 -8.84 1.10
CA GLY A 16 4.11 -9.13 1.29
C GLY A 16 4.86 -7.96 1.86
N ARG A 17 5.93 -7.55 1.17
CA ARG A 17 6.73 -6.43 1.62
C ARG A 17 5.93 -5.13 1.60
N SER A 18 6.47 -4.09 2.22
CA SER A 18 5.80 -2.80 2.27
C SER A 18 5.78 -2.14 0.90
N CYS A 19 5.19 -0.95 0.82
CA CYS A 19 5.11 -0.22 -0.44
C CYS A 19 6.49 0.30 -0.85
N CYS A 20 6.53 1.03 -1.96
CA CYS A 20 7.78 1.59 -2.47
C CYS A 20 8.37 2.58 -1.47
N PHE A 21 9.50 3.18 -1.85
CA PHE A 21 10.17 4.16 -0.99
C PHE A 21 9.34 5.44 -0.87
N GLY A 22 8.80 5.68 0.32
CA GLY A 22 7.99 6.86 0.55
C GLY A 22 6.51 6.60 0.36
N TYR A 23 6.11 5.33 0.41
CA TYR A 23 4.72 4.95 0.24
C TYR A 23 4.35 3.82 1.20
N TYR A 24 3.06 3.75 1.54
CA TYR A 24 2.57 2.71 2.44
C TYR A 24 1.26 2.12 1.94
N CYS A 25 0.71 1.18 2.71
CA CYS A 25 -0.55 0.54 2.35
C CYS A 25 -1.67 0.98 3.28
N ARG A 26 -2.59 1.79 2.75
CA ARG A 26 -3.72 2.28 3.54
C ARG A 26 -4.98 1.49 3.21
N ARG A 27 -5.65 1.01 4.26
CA ARG A 27 -6.88 0.24 4.08
C ARG A 27 -8.01 1.14 3.61
N ASP A 28 -9.04 0.53 3.03
CA ASP A 28 -10.19 1.27 2.53
C ASP A 28 -10.87 2.04 3.66
N PHE A 29 -11.57 1.31 4.53
CA PHE A 29 -12.26 1.92 5.65
C PHE A 29 -12.15 1.05 6.90
N PRO A 30 -12.44 1.61 8.08
CA PRO A 30 -12.37 0.87 9.35
C PRO A 30 -13.10 -0.47 9.28
N GLY A 31 -12.33 -1.55 9.13
CA GLY A 31 -12.91 -2.87 9.04
C GLY A 31 -12.70 -3.51 7.69
N SER A 32 -11.64 -3.10 6.99
CA SER A 32 -11.32 -3.64 5.68
C SER A 32 -10.08 -4.51 5.73
N ILE A 33 -9.88 -5.32 4.69
CA ILE A 33 -8.72 -6.20 4.63
C ILE A 33 -7.77 -5.77 3.50
N PHE A 34 -8.34 -5.21 2.44
CA PHE A 34 -7.54 -4.76 1.31
C PHE A 34 -7.62 -3.24 1.13
N GLY A 35 -6.55 -2.65 0.61
CA GLY A 35 -6.52 -1.21 0.41
C GLY A 35 -5.64 -0.82 -0.76
N THR A 36 -5.37 0.48 -0.87
CA THR A 36 -4.53 1.00 -1.95
C THR A 36 -3.26 1.64 -1.41
N CYS A 37 -2.19 1.60 -2.20
CA CYS A 37 -0.92 2.17 -1.80
C CYS A 37 -0.91 3.69 -2.00
N SER A 38 -0.52 4.41 -0.96
CA SER A 38 -0.47 5.87 -1.02
C SER A 38 0.89 6.39 -0.55
N ARG A 39 1.20 7.63 -0.89
CA ARG A 39 2.46 8.24 -0.50
C ARG A 39 2.46 8.58 0.98
N ARG A 40 3.66 8.66 1.57
CA ARG A 40 3.79 8.97 2.99
C ARG A 40 3.73 10.47 3.23
N ASN A 41 2.51 10.99 3.36
CA ASN A 41 2.31 12.41 3.59
C ASN A 41 1.66 12.66 4.95
N PHE A 42 1.34 13.92 5.22
CA PHE A 42 0.71 14.29 6.49
C PHE A 42 -0.70 13.72 6.58
N TYR A 1 15.68 -4.21 -11.23
CA TYR A 1 16.45 -3.80 -10.03
C TYR A 1 15.57 -3.79 -8.78
N ILE A 2 14.42 -3.14 -8.88
CA ILE A 2 13.49 -3.06 -7.76
C ILE A 2 12.04 -3.12 -8.25
N THR A 3 11.25 -3.99 -7.63
CA THR A 3 9.85 -4.15 -8.00
C THR A 3 8.96 -4.11 -6.75
N CYS A 4 8.71 -2.90 -6.25
CA CYS A 4 7.88 -2.72 -5.08
C CYS A 4 6.52 -2.15 -5.47
N LEU A 5 5.67 -1.92 -4.46
CA LEU A 5 4.34 -1.38 -4.69
C LEU A 5 4.39 0.13 -4.87
N PHE A 6 4.20 0.59 -6.11
CA PHE A 6 4.22 2.02 -6.41
C PHE A 6 2.83 2.62 -6.30
N ARG A 7 2.75 3.94 -6.34
CA ARG A 7 1.46 4.64 -6.25
C ARG A 7 0.53 4.19 -7.37
N GLY A 8 -0.70 3.85 -7.00
CA GLY A 8 -1.67 3.40 -7.98
C GLY A 8 -1.77 1.90 -8.06
N ALA A 9 -1.43 1.22 -6.96
CA ALA A 9 -1.49 -0.23 -6.91
C ALA A 9 -2.32 -0.71 -5.72
N ARG A 10 -2.85 -1.93 -5.84
CA ARG A 10 -3.67 -2.50 -4.78
C ARG A 10 -2.82 -3.28 -3.78
N CYS A 11 -3.08 -3.07 -2.50
CA CYS A 11 -2.33 -3.76 -1.45
C CYS A 11 -3.23 -4.06 -0.26
N ARG A 12 -3.16 -5.28 0.26
CA ARG A 12 -3.96 -5.68 1.40
C ARG A 12 -3.15 -5.63 2.69
N VAL A 13 -3.83 -5.76 3.82
CA VAL A 13 -3.18 -5.73 5.13
C VAL A 13 -2.21 -6.89 5.28
N TYR A 14 -2.66 -8.08 4.88
CA TYR A 14 -1.84 -9.29 5.00
C TYR A 14 -1.00 -9.53 3.75
N SER A 15 -0.76 -8.46 2.98
CA SER A 15 0.03 -8.57 1.75
C SER A 15 1.49 -8.90 2.09
N GLY A 16 2.32 -8.92 1.06
CA GLY A 16 3.73 -9.22 1.26
C GLY A 16 4.48 -8.06 1.89
N ARG A 17 5.57 -7.64 1.23
CA ARG A 17 6.37 -6.53 1.73
C ARG A 17 5.56 -5.24 1.79
N SER A 18 6.19 -4.17 2.24
CA SER A 18 5.52 -2.88 2.33
C SER A 18 5.56 -2.15 0.99
N CYS A 19 4.99 -0.95 0.96
CA CYS A 19 4.95 -0.16 -0.27
C CYS A 19 6.34 0.35 -0.63
N CYS A 20 6.46 0.97 -1.80
CA CYS A 20 7.74 1.50 -2.26
C CYS A 20 8.27 2.55 -1.29
N PHE A 21 9.55 2.90 -1.45
CA PHE A 21 10.18 3.89 -0.58
C PHE A 21 9.46 5.23 -0.69
N GLY A 22 8.87 5.66 0.42
CA GLY A 22 8.16 6.93 0.43
C GLY A 22 6.66 6.77 0.21
N TYR A 23 6.20 5.52 0.18
CA TYR A 23 4.79 5.23 -0.03
C TYR A 23 4.29 4.20 0.99
N TYR A 24 3.07 4.41 1.47
CA TYR A 24 2.48 3.49 2.45
C TYR A 24 1.21 2.84 1.90
N CYS A 25 0.70 1.86 2.63
CA CYS A 25 -0.51 1.15 2.23
C CYS A 25 -1.64 1.38 3.23
N ARG A 26 -2.61 2.18 2.84
CA ARG A 26 -3.75 2.48 3.71
C ARG A 26 -4.97 1.64 3.33
N ARG A 27 -5.67 1.13 4.34
CA ARG A 27 -6.85 0.32 4.11
C ARG A 27 -8.03 1.18 3.67
N ASP A 28 -9.19 0.56 3.51
CA ASP A 28 -10.39 1.28 3.08
C ASP A 28 -11.11 1.87 4.29
N PHE A 29 -11.67 1.01 5.12
CA PHE A 29 -12.40 1.44 6.30
C PHE A 29 -12.11 0.52 7.49
N PRO A 30 -12.37 0.98 8.72
CA PRO A 30 -12.15 0.19 9.93
C PRO A 30 -12.78 -1.19 9.84
N GLY A 31 -11.97 -2.18 9.45
CA GLY A 31 -12.47 -3.54 9.33
C GLY A 31 -12.37 -4.07 7.90
N SER A 32 -11.45 -3.50 7.13
CA SER A 32 -11.26 -3.93 5.74
C SER A 32 -10.11 -4.91 5.62
N ILE A 33 -9.99 -5.54 4.47
CA ILE A 33 -8.94 -6.51 4.23
C ILE A 33 -7.99 -6.05 3.11
N PHE A 34 -8.53 -5.29 2.15
CA PHE A 34 -7.72 -4.78 1.04
C PHE A 34 -7.80 -3.27 0.96
N GLY A 35 -6.75 -2.66 0.42
CA GLY A 35 -6.72 -1.22 0.28
C GLY A 35 -5.90 -0.76 -0.92
N THR A 36 -5.26 0.39 -0.79
CA THR A 36 -4.44 0.93 -1.87
C THR A 36 -3.15 1.52 -1.34
N CYS A 37 -2.23 1.85 -2.24
CA CYS A 37 -0.94 2.42 -1.86
C CYS A 37 -0.87 3.90 -2.20
N SER A 38 -0.50 4.71 -1.22
CA SER A 38 -0.38 6.16 -1.41
C SER A 38 0.96 6.67 -0.92
N ARG A 39 1.44 7.75 -1.53
CA ARG A 39 2.72 8.33 -1.16
C ARG A 39 2.63 8.99 0.22
N ARG A 40 3.77 9.12 0.88
CA ARG A 40 3.82 9.73 2.20
C ARG A 40 3.93 11.25 2.09
N ASN A 41 2.91 11.95 2.57
CA ASN A 41 2.88 13.41 2.54
C ASN A 41 3.67 14.00 3.69
N PHE A 42 4.38 15.09 3.42
CA PHE A 42 5.19 15.76 4.44
C PHE A 42 4.31 16.61 5.35
N TYR A 1 14.23 -7.03 -12.12
CA TYR A 1 13.03 -7.80 -12.53
C TYR A 1 11.86 -7.56 -11.59
N ILE A 2 12.12 -7.62 -10.29
CA ILE A 2 11.10 -7.41 -9.28
C ILE A 2 10.93 -5.93 -8.97
N THR A 3 9.68 -5.49 -8.83
CA THR A 3 9.38 -4.09 -8.52
C THR A 3 8.55 -3.98 -7.25
N CYS A 4 8.45 -2.76 -6.73
CA CYS A 4 7.68 -2.52 -5.52
C CYS A 4 6.32 -1.91 -5.84
N LEU A 5 5.46 -1.80 -4.83
CA LEU A 5 4.13 -1.25 -5.00
C LEU A 5 4.18 0.27 -5.09
N PHE A 6 3.66 0.81 -6.19
CA PHE A 6 3.65 2.26 -6.39
C PHE A 6 2.25 2.83 -6.12
N ARG A 7 2.16 4.16 -6.14
CA ARG A 7 0.89 4.83 -5.89
C ARG A 7 -0.18 4.36 -6.87
N GLY A 8 -1.37 4.07 -6.35
CA GLY A 8 -2.45 3.61 -7.20
C GLY A 8 -2.39 2.11 -7.47
N ALA A 9 -1.74 1.38 -6.56
CA ALA A 9 -1.61 -0.06 -6.71
C ALA A 9 -2.53 -0.79 -5.73
N ARG A 10 -2.60 -2.10 -5.86
CA ARG A 10 -3.44 -2.92 -5.00
C ARG A 10 -2.60 -3.63 -3.93
N CYS A 11 -2.93 -3.38 -2.67
CA CYS A 11 -2.21 -3.98 -1.56
C CYS A 11 -3.16 -4.24 -0.39
N ARG A 12 -2.93 -5.34 0.32
CA ARG A 12 -3.77 -5.70 1.45
C ARG A 12 -3.01 -5.53 2.77
N VAL A 13 -3.75 -5.58 3.87
CA VAL A 13 -3.16 -5.42 5.20
C VAL A 13 -2.06 -6.46 5.45
N TYR A 14 -2.38 -7.72 5.15
CA TYR A 14 -1.44 -8.81 5.36
C TYR A 14 -0.58 -9.07 4.13
N SER A 15 -0.43 -8.05 3.28
CA SER A 15 0.38 -8.20 2.07
C SER A 15 1.83 -8.50 2.42
N GLY A 16 2.63 -8.82 1.40
CA GLY A 16 4.03 -9.13 1.62
C GLY A 16 4.82 -7.91 2.08
N ARG A 17 5.90 -7.61 1.36
CA ARG A 17 6.73 -6.47 1.71
C ARG A 17 5.94 -5.17 1.61
N SER A 18 6.47 -4.11 2.22
CA SER A 18 5.80 -2.80 2.20
C SER A 18 5.86 -2.19 0.80
N CYS A 19 5.22 -1.04 0.65
CA CYS A 19 5.21 -0.35 -0.64
C CYS A 19 6.59 0.22 -0.97
N CYS A 20 6.68 0.93 -2.09
CA CYS A 20 7.95 1.53 -2.51
C CYS A 20 8.48 2.48 -1.45
N PHE A 21 9.75 2.86 -1.58
CA PHE A 21 10.39 3.77 -0.63
C PHE A 21 9.65 5.10 -0.58
N GLY A 22 9.18 5.48 0.60
CA GLY A 22 8.47 6.73 0.75
C GLY A 22 6.97 6.56 0.67
N TYR A 23 6.53 5.45 0.09
CA TYR A 23 5.10 5.17 -0.05
C TYR A 23 4.67 4.07 0.91
N TYR A 24 3.37 3.98 1.16
CA TYR A 24 2.83 2.97 2.06
C TYR A 24 1.44 2.53 1.62
N CYS A 25 0.89 1.52 2.30
CA CYS A 25 -0.43 1.01 1.96
C CYS A 25 -1.45 1.43 3.01
N ARG A 26 -2.70 1.63 2.57
CA ARG A 26 -3.78 2.04 3.47
C ARG A 26 -5.07 1.31 3.12
N ARG A 27 -5.81 0.92 4.15
CA ARG A 27 -7.08 0.21 3.95
C ARG A 27 -8.18 1.18 3.55
N ASP A 28 -9.34 0.64 3.19
CA ASP A 28 -10.47 1.46 2.79
C ASP A 28 -11.11 2.15 3.99
N PHE A 29 -11.80 1.35 4.82
CA PHE A 29 -12.46 1.88 6.00
C PHE A 29 -12.38 0.88 7.17
N PRO A 30 -12.62 1.36 8.40
CA PRO A 30 -12.57 0.50 9.59
C PRO A 30 -13.28 -0.83 9.38
N GLY A 31 -12.48 -1.89 9.23
CA GLY A 31 -13.04 -3.21 9.02
C GLY A 31 -12.76 -3.75 7.63
N SER A 32 -11.67 -3.28 7.03
CA SER A 32 -11.28 -3.71 5.69
C SER A 32 -10.05 -4.60 5.73
N ILE A 33 -9.83 -5.37 4.66
CA ILE A 33 -8.68 -6.25 4.58
C ILE A 33 -7.77 -5.85 3.42
N PHE A 34 -8.35 -5.29 2.36
CA PHE A 34 -7.57 -4.85 1.21
C PHE A 34 -7.71 -3.34 1.00
N GLY A 35 -6.65 -2.73 0.45
CA GLY A 35 -6.67 -1.30 0.22
C GLY A 35 -5.82 -0.91 -0.98
N THR A 36 -5.32 0.33 -0.95
CA THR A 36 -4.49 0.82 -2.04
C THR A 36 -3.17 1.38 -1.51
N CYS A 37 -2.22 1.60 -2.42
CA CYS A 37 -0.92 2.12 -2.04
C CYS A 37 -0.82 3.62 -2.33
N SER A 38 -0.44 4.39 -1.33
CA SER A 38 -0.31 5.83 -1.47
C SER A 38 1.04 6.32 -0.94
N ARG A 39 1.30 7.61 -1.10
CA ARG A 39 2.56 8.20 -0.64
C ARG A 39 2.43 8.69 0.79
N ARG A 40 3.47 8.45 1.60
CA ARG A 40 3.47 8.87 2.99
C ARG A 40 3.33 10.39 3.11
N ASN A 41 4.13 11.11 2.33
CA ASN A 41 4.08 12.57 2.34
C ASN A 41 4.50 13.13 0.99
N PHE A 42 4.21 14.42 0.78
CA PHE A 42 4.56 15.08 -0.48
C PHE A 42 3.89 14.39 -1.66
N TYR A 1 6.07 0.68 -10.45
CA TYR A 1 5.68 -0.71 -10.11
C TYR A 1 6.66 -1.72 -10.72
N ILE A 2 7.88 -1.26 -10.98
CA ILE A 2 8.90 -2.14 -11.57
C ILE A 2 9.18 -3.34 -10.67
N THR A 3 8.99 -3.16 -9.37
CA THR A 3 9.23 -4.24 -8.42
C THR A 3 8.40 -4.05 -7.16
N CYS A 4 8.41 -2.82 -6.65
CA CYS A 4 7.66 -2.48 -5.44
C CYS A 4 6.28 -1.94 -5.80
N LEU A 5 5.47 -1.70 -4.77
CA LEU A 5 4.11 -1.17 -4.97
C LEU A 5 4.13 0.36 -5.02
N PHE A 6 3.68 0.91 -6.13
CA PHE A 6 3.63 2.36 -6.30
C PHE A 6 2.22 2.88 -6.06
N ARG A 7 2.09 4.21 -5.97
CA ARG A 7 0.79 4.84 -5.75
C ARG A 7 -0.22 4.39 -6.80
N GLY A 8 -1.37 3.93 -6.35
CA GLY A 8 -2.41 3.48 -7.26
C GLY A 8 -2.33 1.98 -7.53
N ALA A 9 -1.78 1.25 -6.56
CA ALA A 9 -1.65 -0.20 -6.71
C ALA A 9 -2.50 -0.93 -5.67
N ARG A 10 -2.65 -2.23 -5.86
CA ARG A 10 -3.45 -3.05 -4.93
C ARG A 10 -2.57 -3.65 -3.85
N CYS A 11 -2.95 -3.42 -2.59
CA CYS A 11 -2.20 -3.94 -1.45
C CYS A 11 -3.13 -4.21 -0.27
N ARG A 12 -2.89 -5.32 0.42
CA ARG A 12 -3.71 -5.70 1.56
C ARG A 12 -2.93 -5.54 2.86
N VAL A 13 -3.63 -5.64 3.99
CA VAL A 13 -3.00 -5.51 5.31
C VAL A 13 -1.89 -6.55 5.51
N TYR A 14 -2.25 -7.81 5.25
CA TYR A 14 -1.30 -8.91 5.43
C TYR A 14 -0.51 -9.20 4.15
N SER A 15 -0.33 -8.18 3.32
CA SER A 15 0.40 -8.35 2.06
C SER A 15 1.87 -8.68 2.33
N GLY A 16 2.61 -8.92 1.26
CA GLY A 16 4.02 -9.25 1.40
C GLY A 16 4.85 -8.04 1.79
N ARG A 17 5.87 -7.75 1.00
CA ARG A 17 6.74 -6.61 1.26
C ARG A 17 5.95 -5.31 1.27
N SER A 18 6.49 -4.29 1.94
CA SER A 18 5.83 -2.99 2.02
C SER A 18 5.86 -2.29 0.67
N CYS A 19 5.25 -1.10 0.61
CA CYS A 19 5.22 -0.32 -0.63
C CYS A 19 6.60 0.21 -0.97
N CYS A 20 6.66 1.01 -2.03
CA CYS A 20 7.92 1.59 -2.48
C CYS A 20 8.49 2.54 -1.43
N PHE A 21 9.64 3.14 -1.72
CA PHE A 21 10.26 4.07 -0.81
C PHE A 21 9.52 5.40 -0.77
N GLY A 22 8.80 5.64 0.32
CA GLY A 22 8.05 6.89 0.45
C GLY A 22 6.55 6.66 0.39
N TYR A 23 6.13 5.42 0.19
CA TYR A 23 4.70 5.09 0.11
C TYR A 23 4.37 3.91 1.00
N TYR A 24 3.13 3.86 1.48
CA TYR A 24 2.67 2.77 2.34
C TYR A 24 1.33 2.22 1.87
N CYS A 25 0.81 1.25 2.61
CA CYS A 25 -0.48 0.64 2.27
C CYS A 25 -1.57 1.12 3.22
N ARG A 26 -2.59 1.77 2.67
CA ARG A 26 -3.70 2.27 3.47
C ARG A 26 -4.96 1.44 3.24
N ARG A 27 -5.70 1.19 4.32
CA ARG A 27 -6.92 0.40 4.24
C ARG A 27 -8.06 1.22 3.64
N ASP A 28 -8.99 0.55 2.99
CA ASP A 28 -10.14 1.22 2.38
C ASP A 28 -10.95 1.97 3.42
N PHE A 29 -11.51 1.23 4.38
CA PHE A 29 -12.32 1.83 5.44
C PHE A 29 -12.22 1.02 6.72
N PRO A 30 -12.60 1.61 7.86
CA PRO A 30 -12.55 0.93 9.16
C PRO A 30 -13.21 -0.44 9.13
N GLY A 31 -12.39 -1.48 9.02
CA GLY A 31 -12.90 -2.83 8.98
C GLY A 31 -12.68 -3.50 7.64
N SER A 32 -11.64 -3.06 6.93
CA SER A 32 -11.32 -3.62 5.62
C SER A 32 -10.05 -4.48 5.70
N ILE A 33 -9.89 -5.37 4.71
CA ILE A 33 -8.73 -6.24 4.67
C ILE A 33 -7.78 -5.85 3.53
N PHE A 34 -8.34 -5.29 2.47
CA PHE A 34 -7.55 -4.86 1.32
C PHE A 34 -7.66 -3.35 1.11
N GLY A 35 -6.62 -2.75 0.56
CA GLY A 35 -6.63 -1.32 0.31
C GLY A 35 -5.79 -0.93 -0.89
N THR A 36 -5.23 0.28 -0.85
CA THR A 36 -4.41 0.77 -1.94
C THR A 36 -3.16 1.46 -1.41
N CYS A 37 -2.13 1.55 -2.26
CA CYS A 37 -0.87 2.18 -1.87
C CYS A 37 -0.95 3.70 -2.07
N SER A 38 -0.54 4.44 -1.05
CA SER A 38 -0.56 5.90 -1.13
C SER A 38 0.78 6.49 -0.70
N ARG A 39 0.93 7.80 -0.86
CA ARG A 39 2.17 8.49 -0.50
C ARG A 39 2.34 8.52 1.02
N ARG A 40 3.58 8.59 1.46
CA ARG A 40 3.89 8.63 2.89
C ARG A 40 3.98 10.07 3.39
N ASN A 41 4.80 10.88 2.72
CA ASN A 41 4.96 12.28 3.10
C ASN A 41 3.83 13.14 2.54
N PHE A 42 3.67 14.33 3.11
CA PHE A 42 2.62 15.24 2.67
C PHE A 42 2.92 15.78 1.27
N TYR A 1 4.96 -6.58 -11.50
CA TYR A 1 5.47 -7.96 -11.31
C TYR A 1 6.90 -7.96 -10.78
N ILE A 2 7.69 -7.00 -11.25
CA ILE A 2 9.08 -6.88 -10.83
C ILE A 2 9.25 -5.78 -9.78
N THR A 3 8.79 -4.58 -10.13
CA THR A 3 8.89 -3.44 -9.22
C THR A 3 8.12 -3.70 -7.94
N CYS A 4 8.05 -2.69 -7.08
CA CYS A 4 7.34 -2.81 -5.81
C CYS A 4 6.00 -2.08 -5.86
N LEU A 5 5.24 -2.16 -4.76
CA LEU A 5 3.95 -1.51 -4.69
C LEU A 5 4.09 0.00 -4.86
N PHE A 6 3.74 0.49 -6.05
CA PHE A 6 3.83 1.91 -6.34
C PHE A 6 2.48 2.60 -6.11
N ARG A 7 2.48 3.92 -6.17
CA ARG A 7 1.26 4.70 -5.97
C ARG A 7 0.17 4.27 -6.95
N GLY A 8 -1.00 3.95 -6.41
CA GLY A 8 -2.10 3.53 -7.26
C GLY A 8 -2.10 2.03 -7.49
N ALA A 9 -1.54 1.29 -6.55
CA ALA A 9 -1.48 -0.17 -6.66
C ALA A 9 -2.37 -0.84 -5.61
N ARG A 10 -2.71 -2.10 -5.85
CA ARG A 10 -3.56 -2.85 -4.93
C ARG A 10 -2.72 -3.57 -3.89
N CYS A 11 -2.89 -3.18 -2.62
CA CYS A 11 -2.15 -3.79 -1.53
C CYS A 11 -3.08 -4.13 -0.37
N ARG A 12 -2.94 -5.33 0.17
CA ARG A 12 -3.78 -5.77 1.28
C ARG A 12 -3.05 -5.64 2.61
N VAL A 13 -3.82 -5.63 3.69
CA VAL A 13 -3.24 -5.50 5.04
C VAL A 13 -2.16 -6.54 5.28
N TYR A 14 -2.48 -7.79 5.00
CA TYR A 14 -1.54 -8.90 5.21
C TYR A 14 -0.68 -9.16 3.96
N SER A 15 -0.50 -8.13 3.14
CA SER A 15 0.30 -8.26 1.93
C SER A 15 1.75 -8.60 2.26
N GLY A 16 2.54 -8.88 1.23
CA GLY A 16 3.93 -9.22 1.44
C GLY A 16 4.72 -8.06 2.02
N ARG A 17 5.81 -7.69 1.36
CA ARG A 17 6.66 -6.60 1.82
C ARG A 17 5.89 -5.28 1.80
N SER A 18 6.46 -4.26 2.43
CA SER A 18 5.84 -2.95 2.49
C SER A 18 5.86 -2.27 1.12
N CYS A 19 5.28 -1.09 1.04
CA CYS A 19 5.24 -0.34 -0.22
C CYS A 19 6.63 0.16 -0.60
N CYS A 20 6.71 0.83 -1.75
CA CYS A 20 7.99 1.35 -2.23
C CYS A 20 8.49 2.46 -1.31
N PHE A 21 9.74 2.88 -1.52
CA PHE A 21 10.34 3.93 -0.71
C PHE A 21 9.58 5.24 -0.86
N GLY A 22 8.99 5.70 0.24
CA GLY A 22 8.23 6.95 0.21
C GLY A 22 6.75 6.72 -0.05
N TYR A 23 6.29 5.49 0.19
CA TYR A 23 4.89 5.15 -0.01
C TYR A 23 4.37 4.25 1.11
N TYR A 24 3.07 4.32 1.37
CA TYR A 24 2.46 3.51 2.40
C TYR A 24 1.20 2.80 1.88
N CYS A 25 0.73 1.81 2.63
CA CYS A 25 -0.47 1.07 2.25
C CYS A 25 -1.56 1.22 3.30
N ARG A 26 -2.68 1.80 2.89
CA ARG A 26 -3.80 2.01 3.80
C ARG A 26 -5.06 1.31 3.29
N ARG A 27 -5.86 0.80 4.22
CA ARG A 27 -7.08 0.09 3.86
C ARG A 27 -8.18 1.08 3.48
N ASP A 28 -9.36 0.56 3.15
CA ASP A 28 -10.49 1.39 2.77
C ASP A 28 -11.14 2.01 4.00
N PHE A 29 -11.45 1.19 4.99
CA PHE A 29 -12.08 1.66 6.22
C PHE A 29 -11.88 0.65 7.34
N PRO A 30 -12.04 1.09 8.60
CA PRO A 30 -11.87 0.22 9.78
C PRO A 30 -12.71 -1.04 9.67
N GLY A 31 -12.09 -2.12 9.20
CA GLY A 31 -12.78 -3.38 9.04
C GLY A 31 -12.49 -4.06 7.71
N SER A 32 -12.03 -3.27 6.74
CA SER A 32 -11.71 -3.80 5.42
C SER A 32 -10.47 -4.67 5.48
N ILE A 33 -10.13 -5.30 4.35
CA ILE A 33 -8.96 -6.16 4.28
C ILE A 33 -7.96 -5.66 3.25
N PHE A 34 -8.44 -5.30 2.06
CA PHE A 34 -7.58 -4.80 1.00
C PHE A 34 -7.69 -3.28 0.87
N GLY A 35 -6.63 -2.66 0.37
CA GLY A 35 -6.62 -1.22 0.21
C GLY A 35 -5.77 -0.76 -0.96
N THR A 36 -5.27 0.47 -0.88
CA THR A 36 -4.43 1.03 -1.93
C THR A 36 -3.19 1.69 -1.34
N CYS A 37 -2.12 1.73 -2.13
CA CYS A 37 -0.87 2.35 -1.69
C CYS A 37 -0.80 3.81 -2.08
N SER A 38 -0.50 4.68 -1.11
CA SER A 38 -0.40 6.11 -1.36
C SER A 38 0.90 6.67 -0.80
N ARG A 39 1.41 7.73 -1.42
CA ARG A 39 2.65 8.36 -0.97
C ARG A 39 2.49 8.93 0.43
N ARG A 40 3.59 8.94 1.18
CA ARG A 40 3.58 9.46 2.54
C ARG A 40 3.42 10.98 2.55
N ASN A 41 3.08 11.52 3.71
CA ASN A 41 2.89 12.96 3.85
C ASN A 41 4.19 13.65 4.28
N PHE A 42 4.93 14.14 3.30
CA PHE A 42 6.20 14.82 3.57
C PHE A 42 5.99 16.33 3.71
N TYR A 1 5.45 -2.54 -10.97
CA TYR A 1 5.31 -3.73 -10.10
C TYR A 1 6.40 -4.75 -10.35
N ILE A 2 7.57 -4.53 -9.74
CA ILE A 2 8.70 -5.43 -9.91
C ILE A 2 9.18 -5.98 -8.56
N THR A 3 9.28 -5.09 -7.58
CA THR A 3 9.72 -5.48 -6.24
C THR A 3 8.84 -4.85 -5.17
N CYS A 4 8.55 -3.57 -5.34
CA CYS A 4 7.71 -2.84 -4.39
C CYS A 4 6.42 -2.37 -5.05
N LEU A 5 5.50 -1.86 -4.23
CA LEU A 5 4.22 -1.37 -4.74
C LEU A 5 4.28 0.12 -5.02
N PHE A 6 3.81 0.52 -6.19
CA PHE A 6 3.81 1.93 -6.58
C PHE A 6 2.43 2.55 -6.34
N ARG A 7 2.36 3.88 -6.41
CA ARG A 7 1.11 4.59 -6.21
C ARG A 7 0.05 4.11 -7.19
N GLY A 8 -1.19 4.01 -6.71
CA GLY A 8 -2.28 3.56 -7.56
C GLY A 8 -2.32 2.05 -7.70
N ALA A 9 -1.73 1.35 -6.73
CA ALA A 9 -1.70 -0.10 -6.76
C ALA A 9 -2.62 -0.69 -5.69
N ARG A 10 -2.87 -1.99 -5.77
CA ARG A 10 -3.73 -2.67 -4.81
C ARG A 10 -2.91 -3.41 -3.76
N CYS A 11 -3.13 -3.08 -2.49
CA CYS A 11 -2.41 -3.71 -1.40
C CYS A 11 -3.37 -4.07 -0.27
N ARG A 12 -3.13 -5.21 0.38
CA ARG A 12 -3.96 -5.65 1.48
C ARG A 12 -3.24 -5.52 2.82
N VAL A 13 -3.96 -5.74 3.91
CA VAL A 13 -3.39 -5.65 5.24
C VAL A 13 -2.41 -6.78 5.51
N TYR A 14 -2.77 -7.99 5.09
CA TYR A 14 -1.95 -9.17 5.28
C TYR A 14 -0.98 -9.38 4.11
N SER A 15 -0.75 -8.35 3.32
CA SER A 15 0.15 -8.44 2.18
C SER A 15 1.58 -8.70 2.63
N GLY A 16 2.50 -8.76 1.68
CA GLY A 16 3.89 -9.00 2.00
C GLY A 16 4.62 -7.74 2.41
N ARG A 17 5.72 -7.45 1.73
CA ARG A 17 6.51 -6.26 2.03
C ARG A 17 5.67 -4.99 1.85
N SER A 18 6.19 -3.87 2.35
CA SER A 18 5.49 -2.60 2.23
C SER A 18 5.63 -2.01 0.83
N CYS A 19 5.06 -0.84 0.63
CA CYS A 19 5.13 -0.17 -0.67
C CYS A 19 6.54 0.31 -0.97
N CYS A 20 6.71 0.96 -2.12
CA CYS A 20 8.01 1.46 -2.52
C CYS A 20 8.52 2.50 -1.52
N PHE A 21 9.79 2.86 -1.64
CA PHE A 21 10.40 3.84 -0.74
C PHE A 21 9.66 5.17 -0.82
N GLY A 22 9.15 5.63 0.32
CA GLY A 22 8.43 6.88 0.36
C GLY A 22 6.92 6.70 0.32
N TYR A 23 6.49 5.52 -0.13
CA TYR A 23 5.07 5.22 -0.22
C TYR A 23 4.68 4.10 0.74
N TYR A 24 3.42 4.09 1.15
CA TYR A 24 2.90 3.07 2.07
C TYR A 24 1.51 2.62 1.67
N CYS A 25 1.02 1.58 2.33
CA CYS A 25 -0.31 1.05 2.04
C CYS A 25 -1.35 1.64 2.99
N ARG A 26 -2.54 1.91 2.45
CA ARG A 26 -3.63 2.47 3.25
C ARG A 26 -4.91 1.68 3.06
N ARG A 27 -5.48 1.22 4.18
CA ARG A 27 -6.72 0.44 4.14
C ARG A 27 -7.92 1.36 3.92
N ASP A 28 -8.97 0.80 3.32
CA ASP A 28 -10.19 1.56 3.04
C ASP A 28 -10.80 2.08 4.34
N PHE A 29 -11.32 1.18 5.16
CA PHE A 29 -11.94 1.56 6.43
C PHE A 29 -11.72 0.47 7.48
N PRO A 30 -11.90 0.82 8.77
CA PRO A 30 -11.73 -0.13 9.87
C PRO A 30 -12.49 -1.43 9.64
N GLY A 31 -11.77 -2.47 9.25
CA GLY A 31 -12.38 -3.76 8.99
C GLY A 31 -12.34 -4.15 7.53
N SER A 32 -11.33 -3.66 6.82
CA SER A 32 -11.17 -3.96 5.40
C SER A 32 -10.12 -5.05 5.19
N ILE A 33 -10.10 -5.61 3.99
CA ILE A 33 -9.16 -6.66 3.65
C ILE A 33 -8.14 -6.17 2.61
N PHE A 34 -8.59 -5.30 1.71
CA PHE A 34 -7.72 -4.76 0.67
C PHE A 34 -7.88 -3.24 0.57
N GLY A 35 -6.79 -2.57 0.19
CA GLY A 35 -6.83 -1.13 0.05
C GLY A 35 -6.00 -0.64 -1.12
N THR A 36 -5.47 0.58 -1.00
CA THR A 36 -4.66 1.17 -2.06
C THR A 36 -3.39 1.79 -1.48
N CYS A 37 -2.37 1.92 -2.33
CA CYS A 37 -1.10 2.49 -1.90
C CYS A 37 -1.06 3.99 -2.19
N SER A 38 -0.63 4.77 -1.20
CA SER A 38 -0.55 6.23 -1.36
C SER A 38 0.82 6.73 -0.91
N ARG A 39 1.09 8.01 -1.17
CA ARG A 39 2.36 8.63 -0.80
C ARG A 39 2.38 8.97 0.69
N ARG A 40 3.52 8.71 1.33
CA ARG A 40 3.67 8.99 2.75
C ARG A 40 3.72 10.49 3.01
N ASN A 41 2.55 11.07 3.25
CA ASN A 41 2.46 12.51 3.52
C ASN A 41 1.27 12.83 4.41
N PHE A 42 1.55 13.19 5.66
CA PHE A 42 0.50 13.52 6.62
C PHE A 42 -0.41 12.33 6.85
N TYR A 1 12.72 -7.39 -5.49
CA TYR A 1 14.01 -6.65 -5.64
C TYR A 1 13.78 -5.27 -6.26
N ILE A 2 12.75 -5.17 -7.10
CA ILE A 2 12.42 -3.90 -7.75
C ILE A 2 10.91 -3.73 -7.88
N THR A 3 10.23 -4.79 -8.31
CA THR A 3 8.79 -4.75 -8.48
C THR A 3 8.09 -4.45 -7.15
N CYS A 4 7.93 -3.16 -6.86
CA CYS A 4 7.28 -2.74 -5.61
C CYS A 4 5.91 -2.13 -5.89
N LEU A 5 5.20 -1.77 -4.84
CA LEU A 5 3.87 -1.18 -4.98
C LEU A 5 3.95 0.34 -4.99
N PHE A 6 3.82 0.93 -6.18
CA PHE A 6 3.88 2.37 -6.33
C PHE A 6 2.49 2.98 -6.19
N ARG A 7 2.42 4.32 -6.29
CA ARG A 7 1.14 5.01 -6.17
C ARG A 7 0.12 4.47 -7.17
N GLY A 8 -1.09 4.24 -6.69
CA GLY A 8 -2.14 3.72 -7.56
C GLY A 8 -2.08 2.21 -7.68
N ALA A 9 -1.50 1.56 -6.67
CA ALA A 9 -1.39 0.10 -6.68
C ALA A 9 -2.33 -0.52 -5.64
N ARG A 10 -2.63 -1.80 -5.82
CA ARG A 10 -3.52 -2.51 -4.91
C ARG A 10 -2.72 -3.32 -3.89
N CYS A 11 -3.06 -3.15 -2.61
CA CYS A 11 -2.38 -3.86 -1.54
C CYS A 11 -3.35 -4.25 -0.43
N ARG A 12 -2.91 -5.10 0.48
CA ARG A 12 -3.75 -5.55 1.59
C ARG A 12 -3.02 -5.41 2.92
N VAL A 13 -3.78 -5.47 4.01
CA VAL A 13 -3.21 -5.36 5.34
C VAL A 13 -2.17 -6.44 5.61
N TYR A 14 -2.52 -7.68 5.28
CA TYR A 14 -1.64 -8.81 5.51
C TYR A 14 -0.75 -9.08 4.30
N SER A 15 -0.52 -8.07 3.47
CA SER A 15 0.32 -8.21 2.29
C SER A 15 1.78 -8.43 2.69
N GLY A 16 2.62 -8.69 1.69
CA GLY A 16 4.03 -8.91 1.95
C GLY A 16 4.71 -7.68 2.50
N ARG A 17 5.79 -7.26 1.85
CA ARG A 17 6.54 -6.08 2.29
C ARG A 17 5.70 -4.81 2.09
N SER A 18 6.30 -3.67 2.42
CA SER A 18 5.60 -2.39 2.28
C SER A 18 5.66 -1.89 0.85
N CYS A 19 5.08 -0.72 0.61
CA CYS A 19 5.07 -0.13 -0.73
C CYS A 19 6.47 0.33 -1.13
N CYS A 20 6.56 0.96 -2.29
CA CYS A 20 7.85 1.45 -2.80
C CYS A 20 8.47 2.43 -1.81
N PHE A 21 9.61 3.00 -2.18
CA PHE A 21 10.31 3.95 -1.34
C PHE A 21 9.54 5.27 -1.24
N GLY A 22 9.07 5.59 -0.05
CA GLY A 22 8.33 6.82 0.15
C GLY A 22 6.82 6.62 0.10
N TYR A 23 6.40 5.37 0.00
CA TYR A 23 4.97 5.06 -0.05
C TYR A 23 4.64 3.88 0.85
N TYR A 24 3.41 3.85 1.37
CA TYR A 24 2.97 2.77 2.25
C TYR A 24 1.64 2.20 1.79
N CYS A 25 1.13 1.23 2.53
CA CYS A 25 -0.14 0.60 2.19
C CYS A 25 -1.23 1.03 3.16
N ARG A 26 -2.40 1.39 2.62
CA ARG A 26 -3.53 1.82 3.42
C ARG A 26 -4.77 0.98 3.14
N ARG A 27 -5.74 1.02 4.05
CA ARG A 27 -6.96 0.26 3.89
C ARG A 27 -8.12 1.17 3.49
N ASP A 28 -9.16 0.58 2.91
CA ASP A 28 -10.33 1.34 2.49
C ASP A 28 -11.01 1.99 3.67
N PHE A 29 -11.65 1.18 4.51
CA PHE A 29 -12.35 1.68 5.68
C PHE A 29 -12.20 0.72 6.87
N PRO A 30 -12.46 1.20 8.09
CA PRO A 30 -12.35 0.38 9.30
C PRO A 30 -13.11 -0.94 9.18
N GLY A 31 -12.36 -2.04 9.07
CA GLY A 31 -12.98 -3.34 8.95
C GLY A 31 -12.78 -3.96 7.58
N SER A 32 -11.73 -3.55 6.89
CA SER A 32 -11.42 -4.06 5.57
C SER A 32 -10.18 -4.94 5.60
N ILE A 33 -9.98 -5.70 4.52
CA ILE A 33 -8.81 -6.59 4.43
C ILE A 33 -7.87 -6.13 3.33
N PHE A 34 -8.42 -5.49 2.29
CA PHE A 34 -7.61 -4.99 1.18
C PHE A 34 -7.80 -3.48 1.01
N GLY A 35 -6.77 -2.82 0.50
CA GLY A 35 -6.84 -1.38 0.29
C GLY A 35 -6.01 -0.91 -0.88
N THR A 36 -5.48 0.30 -0.78
CA THR A 36 -4.65 0.86 -1.84
C THR A 36 -3.36 1.45 -1.28
N CYS A 37 -2.39 1.68 -2.16
CA CYS A 37 -1.10 2.24 -1.75
C CYS A 37 -1.15 3.77 -1.74
N SER A 38 -0.56 4.36 -0.70
CA SER A 38 -0.54 5.81 -0.56
C SER A 38 0.88 6.31 -0.29
N ARG A 39 1.15 7.55 -0.65
CA ARG A 39 2.46 8.15 -0.44
C ARG A 39 2.72 8.41 1.04
N ARG A 40 3.99 8.49 1.41
CA ARG A 40 4.37 8.73 2.79
C ARG A 40 4.65 10.22 3.03
N ASN A 41 3.70 11.05 2.67
CA ASN A 41 3.83 12.50 2.84
C ASN A 41 2.67 13.06 3.66
N PHE A 42 2.72 12.86 4.96
CA PHE A 42 1.68 13.34 5.86
C PHE A 42 2.27 14.07 7.05
N TYR A 1 7.47 -8.28 -12.85
CA TYR A 1 8.82 -7.82 -12.47
C TYR A 1 8.75 -6.68 -11.45
N ILE A 2 7.71 -6.70 -10.63
CA ILE A 2 7.51 -5.67 -9.61
C ILE A 2 8.24 -6.04 -8.32
N THR A 3 8.86 -5.05 -7.69
CA THR A 3 9.59 -5.28 -6.44
C THR A 3 8.89 -4.61 -5.27
N CYS A 4 8.09 -3.58 -5.56
CA CYS A 4 7.37 -2.87 -4.52
C CYS A 4 6.03 -2.35 -5.04
N LEU A 5 5.31 -1.63 -4.19
CA LEU A 5 4.01 -1.09 -4.57
C LEU A 5 4.05 0.44 -4.59
N PHE A 6 3.70 1.00 -5.75
CA PHE A 6 3.70 2.45 -5.91
C PHE A 6 2.28 3.00 -5.80
N ARG A 7 2.15 4.32 -5.90
CA ARG A 7 0.85 4.98 -5.81
C ARG A 7 -0.13 4.39 -6.82
N GLY A 8 -1.31 3.99 -6.35
CA GLY A 8 -2.31 3.42 -7.22
C GLY A 8 -2.15 1.92 -7.39
N ALA A 9 -1.59 1.27 -6.37
CA ALA A 9 -1.38 -0.16 -6.40
C ALA A 9 -2.28 -0.88 -5.40
N ARG A 10 -2.53 -2.15 -5.64
CA ARG A 10 -3.39 -2.95 -4.75
C ARG A 10 -2.56 -3.61 -3.66
N CYS A 11 -2.92 -3.34 -2.41
CA CYS A 11 -2.21 -3.91 -1.27
C CYS A 11 -3.14 -4.06 -0.07
N ARG A 12 -3.08 -5.23 0.58
CA ARG A 12 -3.92 -5.50 1.74
C ARG A 12 -3.12 -5.30 3.04
N VAL A 13 -3.82 -5.44 4.16
CA VAL A 13 -3.18 -5.27 5.47
C VAL A 13 -2.00 -6.22 5.64
N TYR A 14 -2.26 -7.51 5.49
CA TYR A 14 -1.22 -8.53 5.64
C TYR A 14 -0.53 -8.84 4.31
N SER A 15 -0.55 -7.88 3.39
CA SER A 15 0.08 -8.05 2.09
C SER A 15 1.55 -8.43 2.23
N GLY A 16 2.14 -8.94 1.16
CA GLY A 16 3.53 -9.33 1.19
C GLY A 16 4.46 -8.15 1.42
N ARG A 17 5.38 -7.93 0.49
CA ARG A 17 6.32 -6.83 0.60
C ARG A 17 5.60 -5.49 0.71
N SER A 18 6.14 -4.58 1.51
CA SER A 18 5.53 -3.27 1.70
C SER A 18 5.66 -2.43 0.43
N CYS A 19 5.12 -1.22 0.50
CA CYS A 19 5.17 -0.31 -0.65
C CYS A 19 6.59 0.19 -0.88
N CYS A 20 6.80 0.87 -2.01
CA CYS A 20 8.11 1.41 -2.35
C CYS A 20 8.58 2.42 -1.29
N PHE A 21 9.87 2.73 -1.32
CA PHE A 21 10.44 3.69 -0.38
C PHE A 21 9.78 5.05 -0.52
N GLY A 22 9.28 5.59 0.58
CA GLY A 22 8.63 6.88 0.56
C GLY A 22 7.12 6.78 0.47
N TYR A 23 6.62 5.58 0.23
CA TYR A 23 5.18 5.36 0.12
C TYR A 23 4.69 4.38 1.19
N TYR A 24 3.38 4.36 1.41
CA TYR A 24 2.79 3.47 2.41
C TYR A 24 1.44 2.95 1.94
N CYS A 25 1.07 1.77 2.42
CA CYS A 25 -0.21 1.16 2.05
C CYS A 25 -1.30 1.55 3.04
N ARG A 26 -2.53 1.63 2.56
CA ARG A 26 -3.67 1.98 3.41
C ARG A 26 -4.87 1.08 3.12
N ARG A 27 -5.67 0.84 4.15
CA ARG A 27 -6.85 0.00 4.02
C ARG A 27 -8.04 0.82 3.52
N ASP A 28 -9.07 0.12 3.05
CA ASP A 28 -10.28 0.79 2.55
C ASP A 28 -11.01 1.51 3.68
N PHE A 29 -11.63 0.74 4.56
CA PHE A 29 -12.37 1.31 5.69
C PHE A 29 -12.07 0.54 6.97
N PRO A 30 -12.35 1.15 8.14
CA PRO A 30 -12.11 0.52 9.44
C PRO A 30 -12.71 -0.89 9.51
N GLY A 31 -11.89 -1.88 9.17
CA GLY A 31 -12.35 -3.26 9.21
C GLY A 31 -12.36 -3.90 7.83
N SER A 32 -11.47 -3.43 6.95
CA SER A 32 -11.38 -3.96 5.61
C SER A 32 -10.27 -4.99 5.50
N ILE A 33 -10.12 -5.58 4.31
CA ILE A 33 -9.09 -6.58 4.08
C ILE A 33 -8.08 -6.13 3.04
N PHE A 34 -8.54 -5.35 2.05
CA PHE A 34 -7.66 -4.86 1.00
C PHE A 34 -7.83 -3.35 0.80
N GLY A 35 -6.78 -2.69 0.33
CA GLY A 35 -6.83 -1.27 0.09
C GLY A 35 -5.93 -0.83 -1.04
N THR A 36 -5.44 0.40 -0.96
CA THR A 36 -4.55 0.94 -1.98
C THR A 36 -3.33 1.60 -1.36
N CYS A 37 -2.31 1.84 -2.17
CA CYS A 37 -1.08 2.47 -1.70
C CYS A 37 -1.02 3.94 -2.11
N SER A 38 -0.60 4.80 -1.19
CA SER A 38 -0.50 6.22 -1.47
C SER A 38 0.86 6.76 -1.05
N ARG A 39 1.23 7.91 -1.60
CA ARG A 39 2.52 8.53 -1.29
C ARG A 39 2.50 9.17 0.09
N ARG A 40 3.55 8.92 0.87
CA ARG A 40 3.66 9.46 2.21
C ARG A 40 3.71 10.98 2.18
N ASN A 41 2.62 11.62 2.62
CA ASN A 41 2.55 13.08 2.64
C ASN A 41 2.18 13.58 4.03
N PHE A 42 2.70 12.92 5.06
CA PHE A 42 2.43 13.30 6.43
C PHE A 42 3.46 12.70 7.38
#